data_4ZZZ
#
_entry.id   4ZZZ
#
_cell.length_a   179.900
_cell.length_b   54.050
_cell.length_c   92.760
_cell.angle_alpha   90.00
_cell.angle_beta   113.79
_cell.angle_gamma   90.00
#
_symmetry.space_group_name_H-M   'C 1 2 1'
#
loop_
_entity.id
_entity.type
_entity.pdbx_description
1 polymer 'POLY [ADP-RIBOSE] POLYMERASE 1'
2 non-polymer 'SULFATE ION'
3 non-polymer GLYCEROL
4 non-polymer 2-(3-methoxypropyl)-3-oxo-2,3-dihydro-1H-isoindole-4-carboxamide
5 water water
#
_entity_poly.entity_id   1
_entity_poly.type   'polypeptide(L)'
_entity_poly.pdbx_seq_one_letter_code
;GPLTVNPGTKSKLPKPVQDLIKMIFDVESMKKAMVEYEIDLQKMPLGKLSKRQIQAAYSILSEVQQAVSQGSSDSQILDL
SNRFYTLIPHDFGMKKPPLLNNADSVQAKVEMLDNLLDIEVAYSLLRGGSDDSSKDPIDVNYEKLKTDIKVVDRDSEEAE
IIRKYVKNTHATTHNAYDLEVIDIFKIEREGECQRYKPFKQLHNRRLLWHGSRTTNFAGILSQGLRIAPPEAPVTGYMFG
KGIYFADMVSKSANYCHTSQGDPIGLILLGEVALGNMYELKHASHISKLPKGKHSVKGLGKTTPDPSANISLDGVDVPLG
TGISSGVNDTSLLYNEYIVYDIAQVNLKYLLKLKFNFKTSLW
;
_entity_poly.pdbx_strand_id   A,B
#
loop_
_chem_comp.id
_chem_comp.type
_chem_comp.name
_chem_comp.formula
FSU non-polymer 2-(3-methoxypropyl)-3-oxo-2,3-dihydro-1H-isoindole-4-carboxamide 'C13 H16 N2 O3'
GOL non-polymer GLYCEROL 'C3 H8 O3'
SO4 non-polymer 'SULFATE ION' 'O4 S -2'
#
# COMPACT_ATOMS: atom_id res chain seq x y z
N LYS A 10 39.88 -25.30 25.53
CA LYS A 10 39.95 -24.07 24.69
C LYS A 10 39.51 -24.36 23.26
N SER A 11 38.73 -23.46 22.69
CA SER A 11 38.21 -23.58 21.33
C SER A 11 39.32 -23.57 20.28
N LYS A 12 39.11 -24.36 19.21
CA LYS A 12 40.04 -24.47 18.08
C LYS A 12 39.49 -23.77 16.82
N LEU A 13 38.29 -23.21 16.97
CA LEU A 13 37.67 -22.36 15.95
C LEU A 13 38.59 -21.19 15.57
N PRO A 14 38.58 -20.78 14.27
CA PRO A 14 39.42 -19.63 13.90
C PRO A 14 39.04 -18.41 14.73
N LYS A 15 40.01 -17.53 15.00
CA LYS A 15 39.75 -16.38 15.86
C LYS A 15 38.58 -15.47 15.37
N PRO A 16 38.52 -15.16 14.05
CA PRO A 16 37.36 -14.39 13.56
C PRO A 16 36.01 -15.05 13.87
N VAL A 17 35.97 -16.39 13.80
CA VAL A 17 34.75 -17.12 14.08
C VAL A 17 34.38 -17.00 15.55
N GLN A 18 35.38 -17.11 16.43
CA GLN A 18 35.15 -16.91 17.86
C GLN A 18 34.58 -15.54 18.17
N ASP A 19 35.17 -14.52 17.56
CA ASP A 19 34.75 -13.14 17.79
C ASP A 19 33.33 -12.93 17.30
N LEU A 20 32.98 -13.58 16.19
CA LEU A 20 31.62 -13.57 15.66
C LEU A 20 30.64 -14.16 16.71
N ILE A 21 31.00 -15.32 17.25
CA ILE A 21 30.18 -15.95 18.30
C ILE A 21 29.97 -15.01 19.51
N LYS A 22 31.04 -14.35 19.98
CA LYS A 22 30.88 -13.40 21.10
C LYS A 22 29.94 -12.26 20.75
N MET A 23 30.01 -11.76 19.52
CA MET A 23 29.15 -10.66 19.08
C MET A 23 27.68 -11.05 19.11
N ILE A 24 27.37 -12.23 18.56
CA ILE A 24 25.99 -12.68 18.38
C ILE A 24 25.31 -12.93 19.71
N PHE A 25 26.03 -13.60 20.62
CA PHE A 25 25.45 -14.03 21.89
C PHE A 25 25.76 -13.04 23.01
N ASP A 26 25.49 -11.77 22.77
CA ASP A 26 25.82 -10.71 23.71
C ASP A 26 24.56 -10.12 24.34
N VAL A 27 24.30 -10.51 25.60
CA VAL A 27 23.16 -10.02 26.38
C VAL A 27 23.09 -8.51 26.41
N GLU A 28 24.24 -7.87 26.55
CA GLU A 28 24.23 -6.42 26.68
C GLU A 28 23.72 -5.73 25.41
N SER A 29 24.02 -6.28 24.23
CA SER A 29 23.50 -5.72 22.96
C SER A 29 22.01 -5.96 22.86
N MET A 30 21.55 -7.14 23.29
CA MET A 30 20.10 -7.40 23.32
C MET A 30 19.37 -6.36 24.16
N LYS A 31 19.95 -6.05 25.33
CA LYS A 31 19.36 -5.02 26.17
C LYS A 31 19.40 -3.67 25.49
N LYS A 32 20.55 -3.32 24.92
CA LYS A 32 20.64 -2.05 24.22
C LYS A 32 19.51 -1.97 23.18
N ALA A 33 19.27 -3.06 22.46
CA ALA A 33 18.27 -3.07 21.38
C ALA A 33 16.88 -2.71 21.90
N MET A 34 16.50 -3.34 23.00
CA MET A 34 15.21 -3.07 23.62
C MET A 34 15.08 -1.64 24.11
N VAL A 35 16.16 -1.11 24.66
CA VAL A 35 16.16 0.27 25.14
C VAL A 35 16.00 1.25 23.97
N GLU A 36 16.59 0.93 22.82
CA GLU A 36 16.39 1.76 21.61
C GLU A 36 14.93 1.87 21.19
N TYR A 37 14.14 0.83 21.48
CA TYR A 37 12.72 0.81 21.20
C TYR A 37 11.88 1.40 22.33
N GLU A 38 12.57 1.90 23.35
CA GLU A 38 11.95 2.52 24.54
C GLU A 38 11.20 1.55 25.42
N ILE A 39 11.63 0.31 25.45
CA ILE A 39 11.05 -0.68 26.35
C ILE A 39 11.60 -0.43 27.74
N ASP A 40 10.70 -0.40 28.72
CA ASP A 40 11.08 -0.25 30.11
C ASP A 40 11.62 -1.59 30.62
N LEU A 41 12.95 -1.67 30.73
CA LEU A 41 13.62 -2.91 31.17
C LEU A 41 13.40 -3.30 32.63
N GLN A 42 12.97 -2.33 33.45
CA GLN A 42 12.56 -2.61 34.84
C GLN A 42 11.29 -3.45 34.81
N LYS A 43 10.31 -2.97 34.05
CA LYS A 43 9.04 -3.64 33.97
C LYS A 43 9.06 -4.87 33.08
N MET A 44 9.88 -4.85 32.03
CA MET A 44 10.05 -6.06 31.24
C MET A 44 11.49 -6.37 30.94
N PRO A 45 12.13 -7.14 31.83
CA PRO A 45 13.50 -7.56 31.63
C PRO A 45 13.59 -8.58 30.50
N LEU A 46 14.79 -8.68 29.93
CA LEU A 46 15.07 -9.60 28.84
C LEU A 46 14.53 -10.98 29.15
N GLY A 47 14.80 -11.44 30.38
CA GLY A 47 14.46 -12.80 30.80
C GLY A 47 12.96 -13.05 30.87
N LYS A 48 12.19 -11.97 30.91
CA LYS A 48 10.74 -12.12 30.98
C LYS A 48 9.99 -11.97 29.66
N LEU A 49 10.72 -11.71 28.56
CA LEU A 49 10.14 -11.72 27.20
C LEU A 49 9.60 -13.10 26.82
N SER A 50 8.43 -13.15 26.20
CA SER A 50 7.96 -14.44 25.73
C SER A 50 7.31 -14.38 24.34
N LYS A 51 7.34 -15.52 23.65
CA LYS A 51 6.72 -15.69 22.34
C LYS A 51 5.23 -15.34 22.35
N ARG A 52 4.54 -15.77 23.40
CA ARG A 52 3.10 -15.57 23.50
C ARG A 52 2.73 -14.11 23.60
N GLN A 53 3.45 -13.42 24.47
CA GLN A 53 3.34 -11.98 24.63
C GLN A 53 3.60 -11.25 23.30
N ILE A 54 4.64 -11.65 22.59
CA ILE A 54 4.91 -11.07 21.27
C ILE A 54 3.79 -11.38 20.26
N GLN A 55 3.32 -12.63 20.21
CA GLN A 55 2.18 -13.00 19.36
C GLN A 55 0.95 -12.14 19.61
N ALA A 56 0.58 -11.98 20.89
CA ALA A 56 -0.56 -11.15 21.25
C ALA A 56 -0.36 -9.68 20.87
N ALA A 57 0.87 -9.19 21.01
CA ALA A 57 1.15 -7.79 20.63
C ALA A 57 0.91 -7.59 19.13
N TYR A 58 1.42 -8.51 18.32
CA TYR A 58 1.16 -8.47 16.86
C TYR A 58 -0.35 -8.53 16.59
N SER A 59 -1.08 -9.36 17.34
CA SER A 59 -2.54 -9.46 17.23
C SER A 59 -3.22 -8.14 17.47
N ILE A 60 -2.76 -7.42 18.48
CA ILE A 60 -3.28 -6.09 18.80
C ILE A 60 -3.02 -5.09 17.67
N LEU A 61 -1.80 -5.10 17.09
CA LEU A 61 -1.51 -4.22 15.93
C LEU A 61 -2.40 -4.57 14.74
N SER A 62 -2.61 -5.86 14.51
CA SER A 62 -3.52 -6.27 13.42
C SER A 62 -4.94 -5.76 13.64
N GLU A 63 -5.41 -5.86 14.90
CA GLU A 63 -6.75 -5.35 15.27
C GLU A 63 -6.85 -3.85 15.11
N VAL A 64 -5.80 -3.14 15.56
CA VAL A 64 -5.67 -1.69 15.48
C VAL A 64 -5.80 -1.22 14.04
N GLN A 65 -5.06 -1.89 13.15
CA GLN A 65 -5.08 -1.49 11.75
C GLN A 65 -6.45 -1.76 11.10
N GLN A 66 -7.08 -2.87 11.48
CA GLN A 66 -8.44 -3.19 11.06
C GLN A 66 -9.44 -2.16 11.59
N ALA A 67 -9.35 -1.90 12.89
CA ALA A 67 -10.25 -0.94 13.52
C ALA A 67 -10.11 0.42 12.84
N VAL A 68 -8.89 0.78 12.44
CA VAL A 68 -8.69 2.01 11.69
C VAL A 68 -9.22 1.94 10.25
N SER A 69 -8.92 0.85 9.55
CA SER A 69 -9.40 0.66 8.15
C SER A 69 -10.92 0.68 8.07
N GLN A 70 -11.57 -0.08 8.93
CA GLN A 70 -13.02 -0.26 8.91
C GLN A 70 -13.79 0.76 9.78
N GLY A 71 -13.10 1.84 10.18
CA GLY A 71 -13.71 2.97 10.88
C GLY A 71 -14.35 2.72 12.24
N SER A 72 -13.64 2.02 13.12
CA SER A 72 -14.00 1.95 14.54
C SER A 72 -13.99 3.35 15.17
N SER A 73 -14.47 3.46 16.41
CA SER A 73 -14.52 4.74 17.12
C SER A 73 -13.19 5.03 17.79
N ASP A 74 -12.93 6.31 18.04
CA ASP A 74 -11.77 6.75 18.83
C ASP A 74 -11.60 5.92 20.09
N SER A 75 -12.67 5.77 20.86
CA SER A 75 -12.64 5.01 22.11
C SER A 75 -11.99 3.65 21.91
N GLN A 76 -12.37 2.94 20.85
CA GLN A 76 -11.83 1.61 20.62
C GLN A 76 -10.34 1.66 20.24
N ILE A 77 -9.98 2.62 19.38
CA ILE A 77 -8.60 2.83 18.99
C ILE A 77 -7.76 3.07 20.25
N LEU A 78 -8.18 4.05 21.05
CA LEU A 78 -7.54 4.35 22.32
C LEU A 78 -7.39 3.14 23.24
N ASP A 79 -8.44 2.35 23.41
CA ASP A 79 -8.39 1.11 24.20
C ASP A 79 -7.35 0.13 23.66
N LEU A 80 -7.28 0.01 22.34
CA LEU A 80 -6.34 -0.94 21.73
C LEU A 80 -4.92 -0.47 21.97
N SER A 81 -4.70 0.84 21.90
CA SER A 81 -3.37 1.39 22.20
C SER A 81 -2.96 1.11 23.63
N ASN A 82 -3.86 1.36 24.59
CA ASN A 82 -3.63 1.06 26.01
C ASN A 82 -3.24 -0.37 26.26
N ARG A 83 -3.93 -1.27 25.56
CA ARG A 83 -3.71 -2.70 25.65
C ARG A 83 -2.32 -3.02 25.11
N PHE A 84 -1.96 -2.42 23.97
CA PHE A 84 -0.63 -2.71 23.43
C PHE A 84 0.45 -2.32 24.43
N TYR A 85 0.35 -1.10 24.96
CA TYR A 85 1.39 -0.57 25.84
C TYR A 85 1.38 -1.20 27.22
N THR A 86 0.28 -1.86 27.56
CA THR A 86 0.21 -2.60 28.80
C THR A 86 0.97 -3.91 28.62
N LEU A 87 0.78 -4.53 27.46
CA LEU A 87 1.42 -5.77 27.18
C LEU A 87 2.93 -5.59 26.92
N ILE A 88 3.30 -4.52 26.20
CA ILE A 88 4.74 -4.23 25.93
C ILE A 88 5.10 -2.92 26.66
N PRO A 89 5.68 -3.02 27.86
CA PRO A 89 5.88 -1.77 28.62
C PRO A 89 6.97 -0.83 28.06
N HIS A 90 6.62 0.44 27.87
CA HIS A 90 7.51 1.43 27.36
C HIS A 90 7.76 2.47 28.40
N ASP A 91 8.91 3.13 28.32
CA ASP A 91 9.20 4.31 29.12
C ASP A 91 9.47 5.44 28.15
N PHE A 92 8.51 6.35 28.01
CA PHE A 92 8.58 7.43 27.04
C PHE A 92 9.15 8.71 27.61
N GLY A 93 9.77 8.64 28.78
CA GLY A 93 10.15 9.84 29.53
C GLY A 93 8.90 10.68 29.75
N MET A 94 8.99 11.98 29.50
CA MET A 94 7.79 12.81 29.61
C MET A 94 7.13 13.06 28.27
N LYS A 95 7.50 12.26 27.26
CA LYS A 95 6.92 12.41 25.94
C LYS A 95 5.56 11.73 25.84
N LYS A 96 4.64 12.41 25.16
CA LYS A 96 3.29 11.89 24.89
C LYS A 96 3.33 10.51 24.20
N PRO A 97 2.79 9.48 24.87
CA PRO A 97 2.78 8.12 24.30
C PRO A 97 1.99 8.12 22.98
N PRO A 98 2.61 7.62 21.90
CA PRO A 98 1.97 7.71 20.59
C PRO A 98 0.74 6.79 20.47
N LEU A 99 -0.42 7.38 20.19
CA LEU A 99 -1.61 6.61 19.88
C LEU A 99 -1.31 5.75 18.65
N LEU A 100 -1.85 4.54 18.62
CA LEU A 100 -1.71 3.67 17.44
C LEU A 100 -2.91 3.81 16.51
N ASN A 101 -3.07 5.00 15.92
CA ASN A 101 -4.24 5.31 15.09
C ASN A 101 -3.96 5.60 13.64
N ASN A 102 -2.74 5.29 13.18
CA ASN A 102 -2.38 5.51 11.78
C ASN A 102 -1.34 4.48 11.35
N ALA A 103 -1.11 4.38 10.04
CA ALA A 103 -0.21 3.36 9.47
C ALA A 103 1.23 3.53 9.98
N ASP A 104 1.68 4.76 10.09
CA ASP A 104 3.03 5.07 10.53
C ASP A 104 3.34 4.58 11.92
N SER A 105 2.41 4.85 12.84
CA SER A 105 2.60 4.50 14.23
C SER A 105 2.63 3.00 14.38
N VAL A 106 1.77 2.30 13.64
CA VAL A 106 1.77 0.82 13.73
C VAL A 106 2.96 0.16 13.04
N GLN A 107 3.40 0.71 11.91
CA GLN A 107 4.61 0.18 11.24
C GLN A 107 5.83 0.27 12.17
N ALA A 108 5.94 1.35 12.92
CA ALA A 108 7.02 1.47 13.89
C ALA A 108 6.97 0.39 14.99
N LYS A 109 5.77 0.05 15.44
CA LYS A 109 5.62 -0.97 16.48
C LYS A 109 5.86 -2.35 15.90
N VAL A 110 5.44 -2.53 14.65
CA VAL A 110 5.70 -3.77 13.91
C VAL A 110 7.23 -4.05 13.82
N GLU A 111 8.00 -3.03 13.48
CA GLU A 111 9.45 -3.21 13.40
C GLU A 111 10.06 -3.55 14.77
N MET A 112 9.57 -2.92 15.83
CA MET A 112 10.03 -3.26 17.18
C MET A 112 9.72 -4.73 17.50
N LEU A 113 8.50 -5.17 17.18
CA LEU A 113 8.09 -6.56 17.48
C LEU A 113 8.89 -7.63 16.71
N ASP A 114 9.18 -7.34 15.44
CA ASP A 114 10.07 -8.15 14.58
C ASP A 114 11.40 -8.36 15.29
N ASN A 115 11.94 -7.28 15.85
CA ASN A 115 13.21 -7.37 16.57
C ASN A 115 13.08 -8.04 17.95
N LEU A 116 12.01 -7.73 18.68
CA LEU A 116 11.68 -8.45 19.95
C LEU A 116 11.60 -9.93 19.77
N LEU A 117 10.91 -10.37 18.71
CA LEU A 117 10.81 -11.79 18.39
C LEU A 117 12.21 -12.38 18.23
N ASP A 118 13.10 -11.70 17.50
CA ASP A 118 14.44 -12.24 17.26
C ASP A 118 15.30 -12.22 18.52
N ILE A 119 15.10 -11.23 19.37
CA ILE A 119 15.83 -11.13 20.61
C ILE A 119 15.38 -12.29 21.55
N GLU A 120 14.07 -12.56 21.60
CA GLU A 120 13.58 -13.70 22.38
C GLU A 120 14.23 -15.01 21.96
N VAL A 121 14.38 -15.20 20.65
CA VAL A 121 14.99 -16.41 20.10
C VAL A 121 16.47 -16.49 20.50
N ALA A 122 17.18 -15.38 20.41
CA ALA A 122 18.60 -15.34 20.74
C ALA A 122 18.82 -15.55 22.24
N TYR A 123 18.00 -14.92 23.06
CA TYR A 123 18.13 -15.09 24.49
C TYR A 123 17.78 -16.54 24.93
N SER A 124 16.74 -17.12 24.33
CA SER A 124 16.42 -18.54 24.49
C SER A 124 17.58 -19.48 24.15
N LEU A 125 18.15 -19.30 22.95
CA LEU A 125 19.29 -20.11 22.50
C LEU A 125 20.48 -19.93 23.42
N LEU A 126 20.75 -18.69 23.80
CA LEU A 126 21.84 -18.40 24.71
C LEU A 126 21.67 -19.11 26.06
N ARG A 127 20.48 -19.06 26.64
CA ARG A 127 20.19 -19.66 27.94
C ARG A 127 20.01 -21.19 27.90
N GLY A 128 19.79 -21.76 26.73
CA GLY A 128 19.70 -23.22 26.58
C GLY A 128 21.06 -23.90 26.49
N GLY A 129 21.08 -25.24 26.51
CA GLY A 129 22.32 -26.07 26.41
C GLY A 129 23.25 -25.98 27.62
N SER A 130 24.52 -26.40 27.46
CA SER A 130 25.49 -26.59 28.59
C SER A 130 26.11 -25.33 29.20
N ASP A 131 26.44 -25.43 30.50
CA ASP A 131 27.07 -24.34 31.25
C ASP A 131 28.49 -24.69 31.73
N LYS A 135 33.51 -28.04 28.50
CA LYS A 135 34.02 -27.50 27.23
C LYS A 135 34.03 -25.96 27.20
N ASP A 136 34.58 -25.42 26.11
CA ASP A 136 34.61 -23.99 25.85
C ASP A 136 33.19 -23.47 25.53
N PRO A 137 32.73 -22.42 26.24
CA PRO A 137 31.43 -21.81 25.90
C PRO A 137 31.31 -21.40 24.43
N ILE A 138 32.41 -20.94 23.83
CA ILE A 138 32.42 -20.51 22.40
C ILE A 138 31.99 -21.65 21.49
N ASP A 139 32.53 -22.84 21.73
CA ASP A 139 32.15 -24.03 20.99
C ASP A 139 30.72 -24.48 21.29
N VAL A 140 30.30 -24.32 22.55
CA VAL A 140 28.92 -24.64 22.96
C VAL A 140 27.95 -23.73 22.21
N ASN A 141 28.28 -22.45 22.14
CA ASN A 141 27.42 -21.51 21.41
C ASN A 141 27.50 -21.63 19.90
N TYR A 142 28.68 -21.89 19.35
CA TYR A 142 28.82 -22.23 17.93
C TYR A 142 27.84 -23.33 17.51
N GLU A 143 27.83 -24.44 18.23
CA GLU A 143 26.96 -25.58 17.86
C GLU A 143 25.47 -25.26 17.84
N LYS A 144 25.07 -24.29 18.65
CA LYS A 144 23.69 -23.81 18.73
C LYS A 144 23.23 -23.15 17.42
N LEU A 145 24.17 -22.70 16.59
CA LEU A 145 23.81 -22.02 15.34
C LEU A 145 23.50 -23.01 14.19
N LYS A 146 23.90 -24.26 14.37
CA LYS A 146 23.63 -25.33 13.40
C LYS A 146 24.08 -24.91 11.99
N THR A 147 25.22 -24.23 11.93
CA THR A 147 25.75 -23.62 10.69
C THR A 147 27.25 -23.79 10.61
N ASP A 148 27.72 -24.33 9.49
CA ASP A 148 29.14 -24.36 9.20
C ASP A 148 29.63 -22.95 8.80
N ILE A 149 30.57 -22.41 9.57
CA ILE A 149 31.11 -21.09 9.29
C ILE A 149 32.61 -21.14 8.96
N LYS A 150 32.96 -20.76 7.73
CA LYS A 150 34.35 -20.65 7.32
C LYS A 150 34.75 -19.19 7.08
N VAL A 151 35.99 -18.85 7.44
CA VAL A 151 36.61 -17.56 7.15
C VAL A 151 37.13 -17.53 5.70
N VAL A 152 36.66 -16.56 4.90
CA VAL A 152 37.10 -16.35 3.52
C VAL A 152 38.45 -15.60 3.54
N ASP A 153 39.40 -16.07 2.74
CA ASP A 153 40.74 -15.47 2.73
C ASP A 153 40.70 -14.03 2.18
N ARG A 154 41.24 -13.07 2.92
CA ARG A 154 41.29 -11.66 2.50
C ARG A 154 41.76 -11.44 1.06
N ASP A 155 42.64 -12.32 0.57
CA ASP A 155 43.26 -12.17 -0.76
C ASP A 155 42.59 -13.02 -1.84
N SER A 156 41.58 -13.78 -1.45
CA SER A 156 40.84 -14.56 -2.44
C SER A 156 40.20 -13.63 -3.47
N GLU A 157 39.90 -14.18 -4.65
CA GLU A 157 39.07 -13.51 -5.63
C GLU A 157 37.67 -13.40 -5.05
N GLU A 158 37.32 -14.32 -4.15
CA GLU A 158 36.01 -14.34 -3.55
C GLU A 158 35.84 -13.06 -2.73
N ALA A 159 36.84 -12.80 -1.90
CA ALA A 159 36.91 -11.61 -1.05
C ALA A 159 36.93 -10.30 -1.81
N GLU A 160 37.65 -10.28 -2.94
CA GLU A 160 37.75 -9.08 -3.78
C GLU A 160 36.42 -8.70 -4.43
N ILE A 161 35.74 -9.68 -5.02
CA ILE A 161 34.43 -9.49 -5.64
C ILE A 161 33.42 -8.98 -4.59
N ILE A 162 33.48 -9.51 -3.36
CA ILE A 162 32.61 -9.04 -2.29
C ILE A 162 32.91 -7.63 -1.81
N ARG A 163 34.19 -7.29 -1.65
CA ARG A 163 34.55 -5.93 -1.26
C ARG A 163 34.13 -4.94 -2.37
N LYS A 164 34.11 -5.41 -3.61
CA LYS A 164 33.71 -4.57 -4.74
C LYS A 164 32.20 -4.29 -4.75
N TYR A 165 31.42 -5.33 -4.46
CA TYR A 165 29.98 -5.22 -4.26
C TYR A 165 29.67 -4.22 -3.13
N VAL A 166 30.37 -4.33 -1.99
CA VAL A 166 30.21 -3.32 -0.89
C VAL A 166 30.58 -1.92 -1.39
N LYS A 167 31.72 -1.82 -2.06
CA LYS A 167 32.24 -0.50 -2.41
C LYS A 167 31.27 0.15 -3.38
N ASN A 168 30.89 -0.59 -4.41
CA ASN A 168 30.15 0.00 -5.54
C ASN A 168 28.67 0.27 -5.28
N THR A 169 28.06 -0.45 -4.35
CA THR A 169 26.62 -0.31 -4.16
C THR A 169 26.23 0.48 -2.93
N HIS A 170 27.20 1.17 -2.32
CA HIS A 170 26.90 2.08 -1.26
C HIS A 170 26.17 3.28 -1.88
N ALA A 171 24.92 3.50 -1.50
CA ALA A 171 24.06 4.59 -2.08
C ALA A 171 24.50 5.99 -1.64
N THR A 172 24.37 6.98 -2.53
CA THR A 172 24.89 8.34 -2.26
C THR A 172 24.14 9.02 -1.14
N THR A 173 22.87 8.67 -0.93
CA THR A 173 22.12 9.23 0.18
C THR A 173 22.42 8.62 1.54
N HIS A 174 23.13 7.49 1.56
CA HIS A 174 23.49 6.87 2.85
C HIS A 174 24.87 7.36 3.20
N ASN A 175 24.99 8.68 3.30
CA ASN A 175 26.29 9.34 3.30
C ASN A 175 26.85 9.60 4.69
N ALA A 176 26.11 9.25 5.73
CA ALA A 176 26.58 9.40 7.10
C ALA A 176 27.81 8.54 7.48
N TYR A 177 28.02 7.42 6.79
CA TYR A 177 29.09 6.48 7.15
C TYR A 177 29.70 5.88 5.89
N ASP A 178 30.96 5.45 6.00
CA ASP A 178 31.58 4.53 5.04
C ASP A 178 31.59 3.14 5.68
N LEU A 179 31.63 2.10 4.85
CA LEU A 179 31.66 0.74 5.34
C LEU A 179 33.03 0.16 5.09
N GLU A 180 33.55 -0.54 6.10
CA GLU A 180 34.77 -1.29 5.87
C GLU A 180 34.59 -2.75 6.30
N VAL A 181 34.93 -3.64 5.40
CA VAL A 181 34.70 -5.06 5.57
C VAL A 181 35.80 -5.59 6.46
N ILE A 182 35.40 -6.11 7.62
CA ILE A 182 36.37 -6.65 8.55
C ILE A 182 36.69 -8.14 8.27
N ASP A 183 35.66 -8.98 8.30
CA ASP A 183 35.79 -10.42 8.03
C ASP A 183 34.66 -10.82 7.08
N ILE A 184 34.94 -11.79 6.23
CA ILE A 184 33.94 -12.39 5.38
C ILE A 184 33.86 -13.87 5.74
N PHE A 185 32.64 -14.36 5.99
CA PHE A 185 32.39 -15.75 6.31
C PHE A 185 31.51 -16.43 5.27
N LYS A 186 31.95 -17.59 4.81
CA LYS A 186 31.11 -18.52 4.07
C LYS A 186 30.26 -19.36 5.03
N ILE A 187 28.95 -19.32 4.83
CA ILE A 187 28.05 -20.01 5.75
C ILE A 187 27.21 -21.05 5.02
N GLU A 188 26.99 -22.17 5.68
CA GLU A 188 26.00 -23.09 5.17
C GLU A 188 25.20 -23.61 6.34
N ARG A 189 23.94 -23.22 6.34
CA ARG A 189 22.99 -23.62 7.35
C ARG A 189 22.59 -25.08 7.11
N GLU A 190 22.66 -25.88 8.16
CA GLU A 190 22.21 -27.29 8.12
C GLU A 190 20.86 -27.40 7.44
N GLY A 191 20.80 -28.25 6.41
CA GLY A 191 19.56 -28.57 5.71
C GLY A 191 18.99 -27.53 4.75
N GLU A 192 19.72 -26.42 4.54
CA GLU A 192 19.21 -25.36 3.67
C GLU A 192 19.54 -25.69 2.22
N CYS A 193 20.70 -26.31 2.01
CA CYS A 193 21.05 -26.85 0.69
C CYS A 193 19.89 -27.63 0.07
N GLN A 194 19.43 -28.64 0.80
CA GLN A 194 18.33 -29.50 0.37
C GLN A 194 17.04 -28.74 0.21
N ARG A 195 16.74 -27.82 1.13
CA ARG A 195 15.51 -27.02 1.07
C ARG A 195 15.42 -26.17 -0.20
N TYR A 196 16.57 -25.60 -0.58
CA TYR A 196 16.69 -24.70 -1.72
C TYR A 196 16.69 -25.48 -3.04
N LYS A 197 17.09 -26.75 -2.98
CA LYS A 197 17.19 -27.64 -4.15
C LYS A 197 16.18 -27.38 -5.26
N PRO A 198 14.87 -27.48 -4.98
CA PRO A 198 13.90 -27.24 -6.07
C PRO A 198 14.06 -25.88 -6.76
N PHE A 199 14.32 -24.83 -5.98
CA PHE A 199 14.49 -23.47 -6.52
C PHE A 199 15.85 -23.23 -7.21
N LYS A 200 16.80 -24.14 -6.98
CA LYS A 200 18.11 -24.13 -7.65
C LYS A 200 17.94 -24.04 -9.15
N GLN A 201 16.76 -24.46 -9.60
CA GLN A 201 16.39 -24.69 -10.97
C GLN A 201 15.74 -23.45 -11.60
N LEU A 202 15.29 -22.53 -10.76
CA LEU A 202 14.53 -21.36 -11.19
C LEU A 202 15.44 -20.31 -11.88
N HIS A 203 14.88 -19.62 -12.87
CA HIS A 203 15.62 -18.56 -13.54
C HIS A 203 15.70 -17.32 -12.66
N ASN A 204 16.61 -16.41 -12.97
CA ASN A 204 16.69 -15.13 -12.27
C ASN A 204 17.01 -15.33 -10.77
N ARG A 205 18.13 -16.00 -10.52
CA ARG A 205 18.66 -16.15 -9.18
C ARG A 205 19.66 -15.01 -8.98
N ARG A 206 19.58 -14.34 -7.83
CA ARG A 206 20.37 -13.13 -7.59
C ARG A 206 21.04 -13.16 -6.20
N LEU A 207 22.25 -12.63 -6.10
CA LEU A 207 22.95 -12.59 -4.84
C LEU A 207 22.70 -11.19 -4.22
N LEU A 208 21.93 -11.17 -3.15
CA LEU A 208 21.41 -9.93 -2.59
C LEU A 208 21.71 -9.78 -1.10
N TRP A 209 21.61 -8.57 -0.58
CA TRP A 209 21.86 -8.26 0.81
C TRP A 209 20.68 -8.33 1.70
N HIS A 210 20.94 -8.70 2.94
CA HIS A 210 19.94 -8.60 4.05
C HIS A 210 20.67 -8.18 5.28
N GLY A 211 20.27 -7.05 5.86
CA GLY A 211 20.90 -6.47 7.04
C GLY A 211 19.99 -6.74 8.25
N SER A 212 20.58 -6.86 9.43
CA SER A 212 19.82 -7.11 10.67
C SER A 212 20.67 -6.77 11.90
N ARG A 213 20.02 -6.41 13.01
CA ARG A 213 20.78 -6.22 14.26
C ARG A 213 21.60 -7.46 14.55
N THR A 214 22.74 -7.24 15.19
CA THR A 214 23.78 -8.25 15.34
C THR A 214 23.31 -9.51 16.10
N THR A 215 22.56 -9.29 17.15
CA THR A 215 22.06 -10.43 17.94
C THR A 215 20.89 -11.21 17.28
N ASN A 216 20.22 -10.59 16.29
CA ASN A 216 19.25 -11.30 15.45
C ASN A 216 19.85 -12.46 14.68
N PHE A 217 21.18 -12.49 14.63
CA PHE A 217 21.84 -13.54 13.88
C PHE A 217 21.87 -14.88 14.56
N ALA A 218 21.65 -14.91 15.87
CA ALA A 218 21.44 -16.18 16.55
C ALA A 218 20.25 -16.88 15.90
N GLY A 219 19.13 -16.16 15.77
CA GLY A 219 17.93 -16.72 15.16
C GLY A 219 18.08 -16.92 13.67
N ILE A 220 18.63 -15.91 12.97
CA ILE A 220 18.84 -16.05 11.53
C ILE A 220 19.71 -17.24 11.22
N LEU A 221 20.80 -17.44 11.93
CA LEU A 221 21.62 -18.62 11.59
C LEU A 221 20.95 -19.95 12.00
N SER A 222 20.44 -20.01 13.22
CA SER A 222 19.81 -21.27 13.69
C SER A 222 18.54 -21.64 12.92
N GLN A 223 17.72 -20.65 12.58
CA GLN A 223 16.44 -20.92 11.91
C GLN A 223 16.34 -20.41 10.49
N GLY A 224 17.33 -19.66 10.02
CA GLY A 224 17.25 -19.05 8.71
C GLY A 224 16.39 -17.78 8.73
N LEU A 225 16.37 -17.06 7.60
CA LEU A 225 15.46 -15.94 7.45
C LEU A 225 14.01 -16.42 7.42
N ARG A 226 13.15 -15.72 8.14
CA ARG A 226 11.78 -16.18 8.34
C ARG A 226 10.80 -15.13 7.95
N ILE A 227 9.57 -15.54 7.68
CA ILE A 227 8.49 -14.59 7.42
C ILE A 227 7.79 -14.26 8.73
N ALA A 228 7.28 -13.04 8.86
CA ALA A 228 6.59 -12.65 10.09
C ALA A 228 5.42 -13.60 10.37
N PRO A 229 5.10 -13.86 11.66
CA PRO A 229 4.00 -14.79 12.01
C PRO A 229 2.62 -14.42 11.44
N PRO A 230 1.67 -15.40 11.39
CA PRO A 230 0.31 -15.06 10.94
C PRO A 230 -0.37 -13.96 11.74
N GLU A 231 -0.07 -13.82 13.03
CA GLU A 231 -0.61 -12.67 13.83
C GLU A 231 -0.20 -11.26 13.36
N ALA A 232 0.97 -11.16 12.75
CA ALA A 232 1.52 -9.88 12.31
C ALA A 232 0.61 -9.33 11.23
N PRO A 233 0.36 -8.03 11.27
CA PRO A 233 -0.46 -7.31 10.27
C PRO A 233 0.24 -7.26 8.92
N VAL A 234 -0.42 -7.77 7.87
CA VAL A 234 0.17 -7.71 6.54
C VAL A 234 0.45 -6.25 6.14
N THR A 235 -0.36 -5.32 6.66
CA THR A 235 -0.24 -3.91 6.35
C THR A 235 0.95 -3.26 7.05
N GLY A 236 1.57 -4.02 7.94
CA GLY A 236 2.80 -3.60 8.62
C GLY A 236 4.01 -3.44 7.73
N TYR A 237 3.96 -4.02 6.53
CA TYR A 237 5.15 -4.12 5.70
C TYR A 237 4.78 -3.61 4.33
N MET A 238 5.68 -2.84 3.72
CA MET A 238 5.41 -2.22 2.42
C MET A 238 4.90 -3.18 1.34
N PHE A 239 5.52 -4.36 1.27
CA PHE A 239 5.15 -5.39 0.31
C PHE A 239 4.65 -6.65 0.98
N GLY A 240 4.11 -6.47 2.19
CA GLY A 240 3.46 -7.59 2.88
C GLY A 240 4.48 -8.49 3.52
N LYS A 241 4.03 -9.69 3.92
CA LYS A 241 4.89 -10.58 4.69
C LYS A 241 5.75 -11.53 3.85
N GLY A 242 6.92 -11.05 3.45
CA GLY A 242 7.85 -11.89 2.73
C GLY A 242 9.20 -11.66 3.37
N ILE A 243 10.25 -12.02 2.65
CA ILE A 243 11.60 -11.80 3.11
C ILE A 243 12.25 -10.77 2.20
N TYR A 244 12.81 -9.73 2.82
CA TYR A 244 13.25 -8.54 2.08
C TYR A 244 14.73 -8.52 1.86
N PHE A 245 15.17 -8.03 0.69
CA PHE A 245 16.54 -8.02 0.31
C PHE A 245 16.78 -6.74 -0.46
N ALA A 246 18.00 -6.25 -0.45
CA ALA A 246 18.38 -5.07 -1.29
C ALA A 246 19.51 -5.45 -2.25
N ASP A 247 19.63 -4.72 -3.36
CA ASP A 247 20.83 -4.84 -4.19
C ASP A 247 21.86 -3.73 -3.91
N MET A 248 21.51 -2.76 -3.05
CA MET A 248 22.43 -1.70 -2.59
C MET A 248 22.86 -2.00 -1.15
N VAL A 249 24.16 -2.22 -0.96
CA VAL A 249 24.65 -2.66 0.38
C VAL A 249 24.19 -1.73 1.52
N SER A 250 24.19 -0.42 1.25
CA SER A 250 23.86 0.54 2.27
C SER A 250 22.37 0.54 2.70
N LYS A 251 21.47 0.16 1.81
CA LYS A 251 20.06 0.07 2.15
C LYS A 251 19.85 -1.08 3.22
N SER A 252 20.50 -2.21 3.01
CA SER A 252 20.50 -3.30 4.00
C SER A 252 21.25 -2.94 5.27
N ALA A 253 22.38 -2.26 5.09
CA ALA A 253 23.27 -1.91 6.18
C ALA A 253 22.61 -0.94 7.17
N ASN A 254 21.70 -0.14 6.69
CA ASN A 254 20.89 0.65 7.60
C ASN A 254 20.11 -0.20 8.59
N TYR A 255 19.69 -1.40 8.19
CA TYR A 255 18.96 -2.32 9.07
C TYR A 255 19.84 -2.97 10.13
N CYS A 256 21.15 -2.71 10.09
CA CYS A 256 22.03 -3.18 11.16
C CYS A 256 21.82 -2.36 12.42
N HIS A 257 21.33 -1.15 12.23
CA HIS A 257 21.06 -0.18 13.32
C HIS A 257 22.25 0.02 14.22
N THR A 258 23.40 0.25 13.59
CA THR A 258 24.63 0.58 14.31
C THR A 258 24.74 2.09 14.53
N SER A 259 25.62 2.50 15.45
CA SER A 259 25.85 3.91 15.75
C SER A 259 27.31 4.10 16.09
N GLN A 260 27.75 5.35 16.29
CA GLN A 260 29.12 5.55 16.76
C GLN A 260 29.30 4.96 18.17
N GLY A 261 28.20 4.78 18.91
CA GLY A 261 28.24 4.08 20.19
C GLY A 261 28.35 2.55 20.06
N ASP A 262 28.10 2.02 18.85
CA ASP A 262 28.17 0.56 18.61
C ASP A 262 28.26 0.31 17.10
N PRO A 263 29.47 0.50 16.50
CA PRO A 263 29.63 0.69 15.06
C PRO A 263 29.99 -0.56 14.24
N ILE A 264 30.02 -1.73 14.86
CA ILE A 264 30.25 -2.96 14.10
C ILE A 264 28.94 -3.68 13.93
N GLY A 265 28.64 -4.08 12.69
CA GLY A 265 27.45 -4.86 12.42
C GLY A 265 27.66 -6.02 11.47
N LEU A 266 26.58 -6.76 11.21
CA LEU A 266 26.65 -7.95 10.38
C LEU A 266 25.62 -7.85 9.29
N ILE A 267 25.98 -8.37 8.12
CA ILE A 267 25.09 -8.37 6.98
C ILE A 267 25.29 -9.64 6.19
N LEU A 268 24.18 -10.15 5.65
CA LEU A 268 24.16 -11.39 4.83
C LEU A 268 24.22 -11.14 3.34
N LEU A 269 24.92 -12.00 2.59
CA LEU A 269 24.63 -12.15 1.16
C LEU A 269 23.91 -13.44 1.00
N GLY A 270 22.78 -13.40 0.31
CA GLY A 270 22.01 -14.60 0.09
C GLY A 270 21.65 -14.79 -1.35
N GLU A 271 21.57 -16.05 -1.79
CA GLU A 271 21.13 -16.27 -3.16
C GLU A 271 19.63 -16.38 -3.07
N VAL A 272 18.95 -15.57 -3.85
CA VAL A 272 17.52 -15.64 -3.82
C VAL A 272 16.92 -15.96 -5.20
N ALA A 273 16.03 -16.94 -5.21
CA ALA A 273 15.43 -17.39 -6.46
C ALA A 273 14.22 -16.53 -6.76
N LEU A 274 14.41 -15.51 -7.61
CA LEU A 274 13.36 -14.55 -7.94
C LEU A 274 12.38 -14.98 -9.01
N GLY A 275 12.85 -15.72 -10.01
CA GLY A 275 11.93 -16.12 -11.08
C GLY A 275 11.33 -14.92 -11.79
N ASN A 276 10.02 -14.94 -12.00
CA ASN A 276 9.31 -13.87 -12.64
C ASN A 276 8.98 -12.86 -11.57
N MET A 277 9.42 -11.63 -11.77
CA MET A 277 9.23 -10.59 -10.73
C MET A 277 7.96 -9.84 -10.98
N TYR A 278 7.19 -9.59 -9.91
CA TYR A 278 6.08 -8.67 -10.02
C TYR A 278 6.61 -7.28 -9.65
N GLU A 279 6.67 -6.36 -10.63
CA GLU A 279 7.44 -5.12 -10.45
C GLU A 279 6.48 -4.05 -10.02
N LEU A 280 6.79 -3.45 -8.87
CA LEU A 280 5.87 -2.52 -8.21
C LEU A 280 6.62 -1.26 -7.81
N LYS A 281 5.92 -0.12 -7.81
CA LYS A 281 6.54 1.14 -7.48
C LYS A 281 6.08 1.70 -6.14
N HIS A 282 4.99 1.14 -5.62
CA HIS A 282 4.37 1.63 -4.37
C HIS A 282 3.87 0.50 -3.54
N ALA A 283 3.52 0.79 -2.30
CA ALA A 283 3.07 -0.26 -1.38
C ALA A 283 1.98 -1.17 -1.96
N SER A 284 2.12 -2.45 -1.62
CA SER A 284 1.15 -3.45 -1.94
C SER A 284 1.22 -4.50 -0.85
N HIS A 285 0.24 -4.47 0.04
CA HIS A 285 0.26 -5.31 1.22
C HIS A 285 -0.32 -6.65 0.91
N ILE A 286 0.53 -7.47 0.32
CA ILE A 286 0.09 -8.78 -0.13
C ILE A 286 0.73 -9.86 0.73
N SER A 287 0.10 -11.01 0.75
CA SER A 287 0.64 -12.14 1.50
C SER A 287 0.97 -13.30 0.57
N LYS A 288 0.33 -13.29 -0.61
CA LYS A 288 0.50 -14.27 -1.70
C LYS A 288 0.71 -13.55 -3.04
N LEU A 289 1.40 -14.19 -3.97
CA LEU A 289 1.60 -13.64 -5.30
C LEU A 289 0.51 -14.07 -6.31
N PRO A 290 0.24 -13.24 -7.34
CA PRO A 290 -0.68 -13.75 -8.36
C PRO A 290 0.01 -14.84 -9.21
N LYS A 291 -0.78 -15.70 -9.82
CA LYS A 291 -0.23 -16.83 -10.58
C LYS A 291 0.65 -16.27 -11.67
N GLY A 292 1.80 -16.89 -11.87
CA GLY A 292 2.76 -16.40 -12.84
C GLY A 292 3.94 -15.74 -12.14
N LYS A 293 3.73 -15.27 -10.90
CA LYS A 293 4.74 -14.48 -10.17
C LYS A 293 5.46 -15.25 -9.07
N HIS A 294 6.77 -15.08 -8.96
CA HIS A 294 7.57 -15.78 -7.91
C HIS A 294 8.22 -14.84 -6.89
N SER A 295 8.16 -13.55 -7.15
CA SER A 295 8.76 -12.54 -6.26
C SER A 295 8.20 -11.15 -6.57
N VAL A 296 8.43 -10.21 -5.65
CA VAL A 296 8.22 -8.78 -5.93
C VAL A 296 9.56 -8.07 -6.07
N LYS A 297 9.66 -7.21 -7.06
CA LYS A 297 10.74 -6.25 -7.12
C LYS A 297 10.10 -4.88 -6.94
N GLY A 298 10.53 -4.18 -5.89
CA GLY A 298 10.11 -2.83 -5.67
C GLY A 298 11.11 -2.01 -6.44
N LEU A 299 10.61 -1.13 -7.32
CA LEU A 299 11.48 -0.39 -8.21
C LEU A 299 11.99 0.92 -7.62
N GLY A 300 13.30 1.05 -7.54
CA GLY A 300 13.93 2.24 -7.01
C GLY A 300 14.22 3.20 -8.15
N LYS A 301 14.36 4.47 -7.79
CA LYS A 301 14.87 5.54 -8.68
C LYS A 301 16.30 5.26 -9.15
N THR A 302 17.07 4.52 -8.33
CA THR A 302 18.47 4.15 -8.62
C THR A 302 18.64 2.64 -8.63
N THR A 303 19.41 2.15 -9.61
CA THR A 303 19.59 0.74 -9.87
C THR A 303 21.09 0.51 -10.18
N PRO A 304 21.67 -0.65 -9.75
CA PRO A 304 23.06 -0.98 -10.10
C PRO A 304 23.24 -0.98 -11.62
N ASP A 305 24.33 -0.41 -12.12
CA ASP A 305 24.61 -0.43 -13.57
C ASP A 305 24.60 -1.88 -14.10
N PRO A 306 23.64 -2.23 -15.00
CA PRO A 306 23.55 -3.62 -15.44
C PRO A 306 24.66 -3.98 -16.43
N SER A 307 25.42 -2.98 -16.90
CA SER A 307 26.68 -3.20 -17.62
C SER A 307 27.69 -3.93 -16.77
N ALA A 308 27.70 -3.61 -15.47
CA ALA A 308 28.69 -4.16 -14.55
C ALA A 308 28.30 -5.51 -13.98
N ASN A 309 27.10 -6.00 -14.29
CA ASN A 309 26.58 -7.25 -13.75
C ASN A 309 27.50 -8.43 -14.08
N ILE A 310 27.76 -9.29 -13.10
CA ILE A 310 28.50 -10.50 -13.32
C ILE A 310 27.60 -11.67 -12.95
N SER A 311 27.91 -12.86 -13.45
CA SER A 311 27.19 -14.01 -12.99
C SER A 311 28.08 -15.21 -12.82
N LEU A 312 27.90 -15.91 -11.72
CA LEU A 312 28.49 -17.22 -11.59
C LEU A 312 27.42 -18.19 -11.16
N ASP A 313 27.51 -19.41 -11.69
CA ASP A 313 26.62 -20.51 -11.32
C ASP A 313 25.18 -20.21 -11.68
N GLY A 314 24.99 -19.34 -12.67
CA GLY A 314 23.65 -18.90 -13.07
C GLY A 314 23.02 -17.92 -12.07
N VAL A 315 23.84 -17.38 -11.16
CA VAL A 315 23.43 -16.36 -10.19
C VAL A 315 23.99 -15.00 -10.57
N ASP A 316 23.13 -13.98 -10.62
CA ASP A 316 23.58 -12.64 -10.97
C ASP A 316 24.04 -11.89 -9.73
N VAL A 317 25.14 -11.17 -9.88
CA VAL A 317 25.70 -10.36 -8.80
C VAL A 317 25.64 -8.91 -9.33
N PRO A 318 24.67 -8.13 -8.83
CA PRO A 318 24.50 -6.78 -9.41
C PRO A 318 25.43 -5.79 -8.73
N LEU A 319 26.72 -5.90 -9.02
CA LEU A 319 27.69 -5.06 -8.36
C LEU A 319 28.06 -3.74 -9.10
N GLY A 320 27.32 -3.36 -10.11
CA GLY A 320 27.56 -2.07 -10.76
C GLY A 320 27.19 -0.91 -9.85
N THR A 321 27.80 0.25 -10.09
CA THR A 321 27.49 1.43 -9.29
C THR A 321 26.08 1.94 -9.65
N GLY A 322 25.47 2.70 -8.75
CA GLY A 322 24.08 3.08 -8.92
C GLY A 322 23.93 4.12 -10.03
N ILE A 323 22.99 3.88 -10.92
CA ILE A 323 22.64 4.81 -11.99
C ILE A 323 21.13 5.07 -11.95
N SER A 324 20.69 6.19 -12.50
CA SER A 324 19.26 6.42 -12.62
C SER A 324 18.59 5.26 -13.37
N SER A 325 17.51 4.72 -12.80
CA SER A 325 16.70 3.71 -13.46
C SER A 325 15.76 4.50 -14.37
N GLY A 326 14.99 3.85 -15.21
CA GLY A 326 13.91 4.66 -15.85
C GLY A 326 12.94 5.48 -14.96
N VAL A 327 12.84 5.12 -13.68
CA VAL A 327 11.60 5.37 -12.90
C VAL A 327 11.63 6.56 -11.93
N ASN A 328 10.68 7.48 -12.08
CA ASN A 328 10.57 8.65 -11.19
C ASN A 328 9.35 8.71 -10.29
N ASP A 329 8.28 8.04 -10.69
CA ASP A 329 7.03 8.03 -9.91
C ASP A 329 6.98 6.81 -8.99
N THR A 330 7.87 6.80 -8.03
CA THR A 330 8.03 5.64 -7.17
C THR A 330 8.13 6.10 -5.73
N SER A 331 7.78 5.22 -4.79
CA SER A 331 7.93 5.43 -3.37
C SER A 331 9.32 5.05 -2.85
N LEU A 332 10.15 4.45 -3.70
CA LEU A 332 11.51 3.97 -3.34
C LEU A 332 12.65 4.73 -4.01
N LEU A 333 13.66 5.10 -3.24
CA LEU A 333 14.93 5.50 -3.83
C LEU A 333 15.68 4.33 -4.47
N TYR A 334 15.65 3.15 -3.82
CA TYR A 334 16.49 2.01 -4.29
C TYR A 334 15.62 0.76 -4.42
N ASN A 335 16.08 -0.22 -5.21
CA ASN A 335 15.29 -1.44 -5.41
C ASN A 335 15.16 -2.22 -4.08
N GLU A 336 14.19 -3.10 -4.05
CA GLU A 336 14.13 -4.13 -3.02
C GLU A 336 13.44 -5.35 -3.57
N TYR A 337 13.74 -6.51 -2.99
CA TYR A 337 13.31 -7.77 -3.56
C TYR A 337 12.68 -8.57 -2.46
N ILE A 338 11.46 -9.04 -2.72
CA ILE A 338 10.72 -9.78 -1.68
C ILE A 338 10.33 -11.16 -2.17
N VAL A 339 10.66 -12.18 -1.38
CA VAL A 339 10.06 -13.50 -1.68
C VAL A 339 9.10 -13.92 -0.59
N TYR A 340 8.12 -14.77 -0.93
CA TYR A 340 7.05 -15.14 0.02
C TYR A 340 7.10 -16.61 0.48
N ASP A 341 8.17 -17.28 0.11
CA ASP A 341 8.41 -18.65 0.57
C ASP A 341 9.85 -18.71 1.10
N ILE A 342 10.03 -19.16 2.34
CA ILE A 342 11.37 -19.22 2.96
C ILE A 342 12.38 -20.09 2.20
N ALA A 343 11.88 -21.04 1.40
CA ALA A 343 12.75 -21.96 0.71
C ALA A 343 13.48 -21.30 -0.47
N GLN A 344 12.95 -20.17 -0.94
CA GLN A 344 13.53 -19.39 -2.04
C GLN A 344 14.85 -18.73 -1.72
N VAL A 345 15.37 -18.94 -0.52
CA VAL A 345 16.62 -18.30 -0.19
C VAL A 345 17.68 -19.26 0.32
N ASN A 346 18.90 -19.01 -0.12
CA ASN A 346 20.04 -19.80 0.31
C ASN A 346 21.13 -18.83 0.75
N LEU A 347 21.39 -18.76 2.06
CA LEU A 347 22.41 -17.86 2.59
C LEU A 347 23.82 -18.33 2.28
N LYS A 348 24.63 -17.39 1.84
CA LYS A 348 25.93 -17.70 1.29
C LYS A 348 27.04 -17.12 2.10
N TYR A 349 26.94 -15.84 2.44
CA TYR A 349 27.98 -15.17 3.18
C TYR A 349 27.44 -14.34 4.29
N LEU A 350 28.31 -14.11 5.25
CA LEU A 350 27.99 -13.21 6.35
C LEU A 350 29.22 -12.30 6.50
N LEU A 351 28.99 -11.00 6.46
CA LEU A 351 30.09 -10.04 6.52
C LEU A 351 30.03 -9.29 7.80
N LYS A 352 31.20 -9.12 8.42
CA LYS A 352 31.35 -8.27 9.57
C LYS A 352 31.87 -6.88 9.11
N LEU A 353 31.08 -5.85 9.37
CA LEU A 353 31.35 -4.51 8.83
C LEU A 353 31.61 -3.51 9.93
N LYS A 354 32.64 -2.68 9.75
CA LYS A 354 32.78 -1.54 10.60
C LYS A 354 32.17 -0.35 9.87
N PHE A 355 31.23 0.33 10.53
CA PHE A 355 30.62 1.53 9.98
C PHE A 355 31.49 2.69 10.44
N ASN A 356 32.12 3.40 9.51
CA ASN A 356 32.94 4.56 9.86
C ASN A 356 32.14 5.85 9.66
N PHE A 357 31.57 6.35 10.75
CA PHE A 357 30.65 7.49 10.71
C PHE A 357 31.44 8.77 10.44
N LYS A 358 30.94 9.57 9.50
CA LYS A 358 31.70 10.69 8.93
C LYS A 358 31.69 11.92 9.83
N THR A 359 32.78 12.71 9.84
CA THR A 359 32.79 13.97 10.62
C THR A 359 32.80 15.24 9.74
N SER A 360 33.10 15.08 8.46
CA SER A 360 33.06 16.21 7.54
C SER A 360 31.88 16.12 6.58
N LEU A 361 31.37 17.28 6.15
CA LEU A 361 30.37 17.34 5.09
C LEU A 361 31.01 17.44 3.71
N TRP A 362 32.32 17.66 3.67
CA TRP A 362 33.09 17.76 2.44
C TRP A 362 34.26 16.83 2.47
N LYS B 12 -39.59 20.19 -24.51
CA LYS B 12 -40.22 18.99 -25.18
C LYS B 12 -39.71 17.65 -24.64
N LEU B 13 -38.55 17.69 -23.97
CA LEU B 13 -38.02 16.52 -23.24
C LEU B 13 -38.96 16.17 -22.09
N PRO B 14 -38.99 14.89 -21.67
CA PRO B 14 -39.85 14.53 -20.53
C PRO B 14 -39.45 15.29 -19.26
N LYS B 15 -40.38 15.35 -18.30
CA LYS B 15 -40.14 16.10 -17.05
C LYS B 15 -38.98 15.56 -16.19
N PRO B 16 -39.01 14.26 -15.80
CA PRO B 16 -37.96 13.78 -14.88
C PRO B 16 -36.59 13.89 -15.53
N VAL B 17 -36.56 13.84 -16.86
CA VAL B 17 -35.36 14.09 -17.60
C VAL B 17 -34.97 15.57 -17.50
N GLN B 18 -35.87 16.47 -17.88
CA GLN B 18 -35.60 17.91 -17.84
C GLN B 18 -35.00 18.36 -16.50
N ASP B 19 -35.53 17.80 -15.40
CA ASP B 19 -35.02 18.04 -14.07
C ASP B 19 -33.54 17.68 -13.99
N LEU B 20 -33.20 16.48 -14.50
CA LEU B 20 -31.82 16.00 -14.56
C LEU B 20 -30.89 17.04 -15.20
N ILE B 21 -31.22 17.51 -16.42
CA ILE B 21 -30.36 18.47 -17.11
C ILE B 21 -30.05 19.71 -16.27
N LYS B 22 -31.07 20.23 -15.59
CA LYS B 22 -30.95 21.44 -14.76
C LYS B 22 -30.06 21.21 -13.55
N MET B 23 -30.26 20.04 -12.95
CA MET B 23 -29.62 19.65 -11.74
C MET B 23 -28.09 19.46 -11.90
N ILE B 24 -27.67 18.93 -13.06
CA ILE B 24 -26.25 18.58 -13.28
C ILE B 24 -25.50 19.72 -13.98
N PHE B 25 -26.24 20.66 -14.57
CA PHE B 25 -25.62 21.82 -15.18
C PHE B 25 -25.76 23.09 -14.31
N ASP B 26 -26.21 22.89 -13.08
CA ASP B 26 -26.37 23.95 -12.07
C ASP B 26 -25.07 24.67 -11.66
N VAL B 27 -24.83 25.85 -12.26
CA VAL B 27 -23.64 26.64 -11.94
C VAL B 27 -23.50 26.97 -10.44
N GLU B 28 -24.62 27.18 -9.75
CA GLU B 28 -24.61 27.46 -8.31
C GLU B 28 -24.15 26.30 -7.42
N SER B 29 -24.48 25.06 -7.80
CA SER B 29 -24.04 23.88 -7.00
C SER B 29 -22.54 23.72 -7.11
N MET B 30 -22.04 24.03 -8.30
CA MET B 30 -20.62 24.02 -8.58
C MET B 30 -19.93 25.06 -7.71
N LYS B 31 -20.48 26.28 -7.66
CA LYS B 31 -19.93 27.33 -6.80
C LYS B 31 -19.87 26.90 -5.34
N LYS B 32 -20.94 26.29 -4.84
CA LYS B 32 -21.03 25.83 -3.45
C LYS B 32 -20.05 24.71 -3.08
N ALA B 33 -19.86 23.75 -4.00
CA ALA B 33 -18.86 22.70 -3.79
C ALA B 33 -17.51 23.37 -3.60
N MET B 34 -17.18 24.32 -4.48
CA MET B 34 -15.95 25.10 -4.35
C MET B 34 -15.80 25.81 -2.99
N VAL B 35 -16.82 26.52 -2.53
CA VAL B 35 -16.79 27.20 -1.23
C VAL B 35 -16.62 26.22 -0.07
N GLU B 36 -17.26 25.07 -0.18
CA GLU B 36 -17.16 24.05 0.88
C GLU B 36 -15.77 23.44 0.97
N TYR B 37 -14.98 23.56 -0.09
CA TYR B 37 -13.56 23.20 -0.05
C TYR B 37 -12.64 24.37 0.31
N GLU B 38 -13.23 25.54 0.52
CA GLU B 38 -12.49 26.75 0.92
C GLU B 38 -11.59 27.25 -0.18
N ILE B 39 -12.00 26.98 -1.43
CA ILE B 39 -11.39 27.58 -2.60
C ILE B 39 -11.73 29.07 -2.57
N ASP B 40 -10.78 29.92 -2.93
CA ASP B 40 -10.96 31.36 -2.95
C ASP B 40 -11.55 31.75 -4.30
N LEU B 41 -12.86 31.95 -4.35
CA LEU B 41 -13.55 32.30 -5.59
C LEU B 41 -13.23 33.66 -6.21
N GLN B 42 -12.55 34.55 -5.49
CA GLN B 42 -12.10 35.80 -6.13
C GLN B 42 -10.86 35.57 -6.98
N LYS B 43 -9.97 34.69 -6.52
CA LYS B 43 -8.74 34.43 -7.26
C LYS B 43 -8.91 33.31 -8.27
N MET B 44 -9.76 32.34 -7.96
CA MET B 44 -10.04 31.27 -8.92
C MET B 44 -11.54 31.06 -9.00
N PRO B 45 -12.24 31.96 -9.72
CA PRO B 45 -13.67 31.75 -9.90
C PRO B 45 -13.90 30.57 -10.84
N LEU B 46 -15.08 29.97 -10.73
CA LEU B 46 -15.51 28.88 -11.61
C LEU B 46 -15.05 29.09 -13.07
N GLY B 47 -15.27 30.28 -13.60
CA GLY B 47 -14.93 30.59 -14.99
C GLY B 47 -13.46 30.44 -15.29
N LYS B 48 -12.62 30.52 -14.26
CA LYS B 48 -11.18 30.43 -14.49
C LYS B 48 -10.55 29.08 -14.14
N LEU B 49 -11.36 28.13 -13.69
CA LEU B 49 -10.88 26.77 -13.44
C LEU B 49 -10.26 26.22 -14.71
N SER B 50 -9.03 25.71 -14.60
CA SER B 50 -8.31 25.14 -15.72
C SER B 50 -7.99 23.67 -15.47
N LYS B 51 -8.27 22.81 -16.47
CA LYS B 51 -7.88 21.40 -16.44
C LYS B 51 -6.38 21.25 -16.18
N ARG B 52 -5.57 22.03 -16.88
CA ARG B 52 -4.11 22.03 -16.74
C ARG B 52 -3.64 22.50 -15.36
N GLN B 53 -4.36 23.42 -14.76
CA GLN B 53 -4.06 23.87 -13.42
C GLN B 53 -4.33 22.72 -12.44
N ILE B 54 -5.45 22.03 -12.62
CA ILE B 54 -5.77 20.90 -11.77
C ILE B 54 -4.71 19.82 -11.93
N GLN B 55 -4.25 19.59 -13.16
CA GLN B 55 -3.22 18.58 -13.41
C GLN B 55 -1.90 18.93 -12.76
N ALA B 56 -1.50 20.19 -12.82
CA ALA B 56 -0.33 20.63 -12.08
C ALA B 56 -0.51 20.44 -10.56
N ALA B 57 -1.68 20.76 -10.02
CA ALA B 57 -1.95 20.54 -8.58
C ALA B 57 -1.83 19.09 -8.22
N TYR B 58 -2.41 18.20 -9.02
CA TYR B 58 -2.25 16.75 -8.82
C TYR B 58 -0.76 16.37 -8.81
N SER B 59 0.00 16.97 -9.73
CA SER B 59 1.41 16.67 -9.87
C SER B 59 2.19 17.02 -8.61
N ILE B 60 1.82 18.15 -7.98
CA ILE B 60 2.44 18.56 -6.71
C ILE B 60 2.09 17.56 -5.60
N LEU B 61 0.83 17.11 -5.57
CA LEU B 61 0.45 16.06 -4.60
C LEU B 61 1.27 14.78 -4.79
N SER B 62 1.47 14.35 -6.04
CA SER B 62 2.43 13.25 -6.34
C SER B 62 3.84 13.47 -5.79
N GLU B 63 4.41 14.63 -6.08
CA GLU B 63 5.72 15.02 -5.51
C GLU B 63 5.81 14.96 -3.98
N VAL B 64 4.79 15.49 -3.30
CA VAL B 64 4.72 15.49 -1.84
C VAL B 64 4.74 14.06 -1.32
N GLN B 65 3.89 13.24 -1.91
CA GLN B 65 3.76 11.86 -1.43
C GLN B 65 5.08 11.11 -1.67
N GLN B 66 5.69 11.32 -2.82
CA GLN B 66 7.00 10.71 -3.10
C GLN B 66 8.12 11.27 -2.19
N ALA B 67 8.03 12.55 -1.83
CA ALA B 67 9.02 13.17 -0.96
C ALA B 67 8.93 12.55 0.42
N VAL B 68 7.70 12.36 0.87
CA VAL B 68 7.45 11.74 2.17
C VAL B 68 7.98 10.30 2.21
N SER B 69 7.65 9.52 1.19
CA SER B 69 8.05 8.10 1.13
C SER B 69 9.52 7.95 0.96
N GLN B 70 10.11 8.79 0.11
CA GLN B 70 11.56 8.69 -0.11
C GLN B 70 12.42 9.29 1.00
N GLY B 71 11.81 10.01 1.94
CA GLY B 71 12.55 10.67 3.06
C GLY B 71 13.30 11.94 2.68
N SER B 72 12.77 12.72 1.73
CA SER B 72 13.24 14.08 1.46
C SER B 72 13.22 14.95 2.73
N SER B 73 13.90 16.10 2.68
CA SER B 73 13.98 16.98 3.85
C SER B 73 12.64 17.61 4.19
N ASP B 74 12.44 17.96 5.45
CA ASP B 74 11.23 18.68 5.85
C ASP B 74 11.06 20.00 5.05
N SER B 75 12.15 20.62 4.62
CA SER B 75 12.04 21.92 3.92
C SER B 75 11.59 21.72 2.48
N GLN B 76 12.02 20.63 1.87
CA GLN B 76 11.55 20.27 0.54
C GLN B 76 10.04 19.99 0.56
N ILE B 77 9.58 19.29 1.57
CA ILE B 77 8.16 18.98 1.70
C ILE B 77 7.37 20.25 2.00
N LEU B 78 7.92 21.10 2.86
CA LEU B 78 7.23 22.33 3.20
C LEU B 78 7.03 23.20 1.96
N ASP B 79 8.06 23.27 1.14
CA ASP B 79 8.04 24.00 -0.13
C ASP B 79 6.97 23.45 -1.07
N LEU B 80 6.89 22.14 -1.22
CA LEU B 80 5.86 21.58 -2.10
C LEU B 80 4.45 21.90 -1.60
N SER B 81 4.25 21.82 -0.28
CA SER B 81 2.97 22.14 0.32
C SER B 81 2.59 23.62 0.06
N ASN B 82 3.56 24.53 0.22
CA ASN B 82 3.33 25.93 -0.18
C ASN B 82 3.04 26.04 -1.68
N ARG B 83 3.77 25.33 -2.53
CA ARG B 83 3.51 25.36 -3.98
C ARG B 83 2.06 24.96 -4.32
N PHE B 84 1.56 23.93 -3.66
CA PHE B 84 0.14 23.53 -3.83
C PHE B 84 -0.83 24.70 -3.62
N TYR B 85 -0.63 25.44 -2.55
CA TYR B 85 -1.53 26.52 -2.22
C TYR B 85 -1.30 27.77 -3.07
N THR B 86 -0.15 27.84 -3.75
CA THR B 86 0.12 28.90 -4.72
C THR B 86 -0.78 28.63 -5.90
N LEU B 87 -0.72 27.39 -6.38
CA LEU B 87 -1.47 26.90 -7.53
C LEU B 87 -3.00 26.93 -7.42
N ILE B 88 -3.54 26.42 -6.31
CA ILE B 88 -4.97 26.37 -6.04
C ILE B 88 -5.24 27.33 -4.88
N PRO B 89 -5.65 28.57 -5.21
CA PRO B 89 -5.93 29.61 -4.20
C PRO B 89 -7.02 29.18 -3.24
N HIS B 90 -6.68 29.05 -1.96
CA HIS B 90 -7.65 28.82 -0.92
C HIS B 90 -7.91 30.07 -0.09
N ASP B 91 -9.04 30.08 0.60
CA ASP B 91 -9.36 31.12 1.57
C ASP B 91 -9.77 30.49 2.89
N PHE B 92 -8.83 30.42 3.83
CA PHE B 92 -9.05 29.71 5.08
C PHE B 92 -9.61 30.45 6.34
N GLY B 93 -9.92 31.75 6.30
CA GLY B 93 -9.14 32.78 5.70
C GLY B 93 -8.37 33.38 6.89
N MET B 94 -8.82 33.10 8.12
CA MET B 94 -8.02 33.33 9.34
C MET B 94 -7.10 32.15 9.70
N LYS B 95 -7.51 30.93 9.36
CA LYS B 95 -6.79 29.73 9.82
C LYS B 95 -5.61 29.39 8.90
N LYS B 96 -4.76 28.48 9.35
CA LYS B 96 -3.62 28.07 8.55
C LYS B 96 -4.01 27.02 7.51
N PRO B 97 -3.58 27.18 6.25
CA PRO B 97 -3.71 26.09 5.28
C PRO B 97 -3.12 24.79 5.85
N PRO B 98 -3.85 23.65 5.80
CA PRO B 98 -3.25 22.43 6.39
C PRO B 98 -1.92 22.07 5.74
N LEU B 99 -0.92 21.69 6.53
CA LEU B 99 0.34 21.17 6.00
C LEU B 99 0.12 19.88 5.20
N LEU B 100 0.59 19.87 3.96
CA LEU B 100 0.54 18.66 3.14
C LEU B 100 1.84 17.87 3.31
N ASN B 101 1.91 17.08 4.37
CA ASN B 101 3.13 16.32 4.66
C ASN B 101 2.88 14.88 5.10
N ASN B 102 1.64 14.42 4.95
CA ASN B 102 1.24 13.05 5.32
C ASN B 102 0.18 12.54 4.34
N ALA B 103 0.02 11.23 4.24
CA ALA B 103 -0.98 10.65 3.35
C ALA B 103 -2.41 11.12 3.61
N ASP B 104 -2.75 11.41 4.86
CA ASP B 104 -4.11 11.89 5.22
C ASP B 104 -4.46 13.29 4.71
N SER B 105 -3.60 14.28 4.99
CA SER B 105 -3.75 15.61 4.41
C SER B 105 -3.74 15.57 2.87
N VAL B 106 -2.84 14.76 2.29
CA VAL B 106 -2.73 14.64 0.83
C VAL B 106 -4.02 14.04 0.28
N GLN B 107 -4.52 13.01 0.97
CA GLN B 107 -5.74 12.33 0.57
C GLN B 107 -6.95 13.25 0.49
N ALA B 108 -7.06 14.19 1.43
CA ALA B 108 -8.15 15.16 1.44
C ALA B 108 -8.09 16.06 0.18
N LYS B 109 -6.89 16.38 -0.27
CA LYS B 109 -6.70 17.20 -1.47
C LYS B 109 -6.88 16.41 -2.77
N VAL B 110 -6.45 15.16 -2.80
CA VAL B 110 -6.74 14.28 -3.95
C VAL B 110 -8.25 14.21 -4.26
N GLU B 111 -9.04 13.92 -3.25
CA GLU B 111 -10.49 13.83 -3.37
C GLU B 111 -11.10 15.15 -3.86
N MET B 112 -10.60 16.28 -3.34
CA MET B 112 -11.05 17.57 -3.80
C MET B 112 -10.72 17.85 -5.26
N LEU B 113 -9.48 17.60 -5.70
CA LEU B 113 -9.07 17.70 -7.09
C LEU B 113 -9.90 16.81 -7.98
N ASP B 114 -10.24 15.59 -7.53
CA ASP B 114 -11.10 14.69 -8.30
C ASP B 114 -12.42 15.42 -8.59
N ASN B 115 -12.92 16.13 -7.59
CA ASN B 115 -14.18 16.86 -7.80
C ASN B 115 -14.02 18.08 -8.70
N LEU B 116 -12.98 18.86 -8.45
CA LEU B 116 -12.75 20.02 -9.29
C LEU B 116 -12.58 19.67 -10.76
N LEU B 117 -11.86 18.58 -11.06
CA LEU B 117 -11.62 18.17 -12.46
C LEU B 117 -12.95 17.98 -13.24
N ASP B 118 -13.90 17.35 -12.59
CA ASP B 118 -15.24 17.14 -13.09
C ASP B 118 -16.09 18.39 -13.21
N ILE B 119 -16.02 19.26 -12.19
CA ILE B 119 -16.66 20.56 -12.24
C ILE B 119 -16.18 21.38 -13.43
N GLU B 120 -14.88 21.37 -13.71
CA GLU B 120 -14.32 22.07 -14.84
C GLU B 120 -14.78 21.49 -16.15
N VAL B 121 -14.96 20.16 -16.19
CA VAL B 121 -15.48 19.50 -17.40
C VAL B 121 -16.89 20.05 -17.68
N ALA B 122 -17.76 19.94 -16.69
CA ALA B 122 -19.13 20.45 -16.77
C ALA B 122 -19.17 21.90 -17.28
N TYR B 123 -18.48 22.79 -16.59
CA TYR B 123 -18.49 24.21 -16.92
C TYR B 123 -17.98 24.52 -18.32
N SER B 124 -16.98 23.76 -18.78
CA SER B 124 -16.41 23.92 -20.10
C SER B 124 -17.44 23.53 -21.15
N LEU B 125 -18.20 22.48 -20.87
CA LEU B 125 -19.29 22.05 -21.74
C LEU B 125 -20.28 23.18 -21.92
N LEU B 126 -20.87 23.57 -20.78
CA LEU B 126 -21.83 24.63 -20.66
C LEU B 126 -21.40 25.93 -21.36
N ARG B 127 -20.12 26.29 -21.26
CA ARG B 127 -19.60 27.48 -21.95
C ARG B 127 -19.37 27.31 -23.46
N GLY B 128 -18.88 26.14 -23.88
CA GLY B 128 -18.53 25.88 -25.29
C GLY B 128 -19.68 25.93 -26.29
N GLY B 129 -19.34 26.08 -27.57
CA GLY B 129 -20.33 26.22 -28.64
C GLY B 129 -20.74 27.67 -28.85
N ASP B 136 -33.58 26.50 -26.88
CA ASP B 136 -33.74 26.22 -25.46
C ASP B 136 -32.41 25.63 -24.92
N PRO B 137 -31.71 26.39 -24.06
CA PRO B 137 -30.44 25.98 -23.46
C PRO B 137 -30.47 24.56 -22.87
N ILE B 138 -31.63 24.14 -22.33
CA ILE B 138 -31.79 22.78 -21.80
C ILE B 138 -31.44 21.74 -22.88
N ASP B 139 -31.93 21.98 -24.09
CA ASP B 139 -31.72 21.00 -25.13
C ASP B 139 -30.44 21.25 -25.91
N VAL B 140 -29.84 22.42 -25.74
CA VAL B 140 -28.47 22.63 -26.24
C VAL B 140 -27.57 21.76 -25.39
N ASN B 141 -27.90 21.72 -24.09
CA ASN B 141 -27.14 21.01 -23.06
C ASN B 141 -27.18 19.50 -23.25
N TYR B 142 -28.40 18.98 -23.44
CA TYR B 142 -28.64 17.60 -23.87
C TYR B 142 -27.75 17.24 -25.07
N GLU B 143 -27.95 17.90 -26.21
CA GLU B 143 -27.06 17.71 -27.36
C GLU B 143 -25.60 17.45 -26.92
N LYS B 144 -25.03 18.37 -26.15
CA LYS B 144 -23.64 18.30 -25.68
C LYS B 144 -23.26 17.05 -24.84
N LEU B 145 -24.21 16.54 -24.05
CA LEU B 145 -23.98 15.31 -23.28
C LEU B 145 -23.75 14.09 -24.19
N LYS B 146 -24.12 14.20 -25.47
CA LYS B 146 -23.97 13.12 -26.46
C LYS B 146 -24.29 11.76 -25.84
N THR B 147 -25.43 11.73 -25.16
CA THR B 147 -25.92 10.59 -24.40
C THR B 147 -27.43 10.53 -24.58
N ASP B 148 -27.94 9.35 -24.95
CA ASP B 148 -29.38 9.17 -25.04
C ASP B 148 -29.89 8.73 -23.69
N ILE B 149 -30.89 9.47 -23.18
CA ILE B 149 -31.49 9.17 -21.88
C ILE B 149 -32.97 8.94 -22.07
N LYS B 150 -33.49 7.90 -21.43
CA LYS B 150 -34.93 7.60 -21.45
C LYS B 150 -35.35 7.24 -20.06
N VAL B 151 -36.61 7.53 -19.71
CA VAL B 151 -37.18 7.18 -18.42
C VAL B 151 -37.65 5.74 -18.43
N VAL B 152 -37.55 5.07 -17.29
CA VAL B 152 -38.00 3.71 -17.11
C VAL B 152 -39.28 3.70 -16.30
N ASP B 153 -40.23 2.85 -16.69
CA ASP B 153 -41.55 2.77 -16.06
C ASP B 153 -41.45 2.26 -14.63
N ARG B 154 -42.04 3.02 -13.71
CA ARG B 154 -42.11 2.63 -12.30
C ARG B 154 -42.60 1.20 -12.13
N ASP B 155 -43.44 0.74 -13.05
CA ASP B 155 -44.10 -0.57 -12.93
C ASP B 155 -43.35 -1.68 -13.67
N SER B 156 -42.65 -1.32 -14.76
CA SER B 156 -41.91 -2.29 -15.59
C SER B 156 -40.90 -3.13 -14.82
N GLU B 157 -40.61 -4.31 -15.35
CA GLU B 157 -39.79 -5.34 -14.69
C GLU B 157 -38.38 -4.85 -14.36
N GLU B 158 -37.79 -4.10 -15.29
CA GLU B 158 -36.52 -3.39 -15.10
C GLU B 158 -36.49 -2.64 -13.76
N ALA B 159 -37.51 -1.81 -13.52
CA ALA B 159 -37.60 -1.04 -12.28
C ALA B 159 -37.75 -1.91 -11.04
N GLU B 160 -38.40 -3.06 -11.17
CA GLU B 160 -38.64 -3.92 -10.00
C GLU B 160 -37.38 -4.63 -9.54
N ILE B 161 -36.55 -5.00 -10.50
CA ILE B 161 -35.26 -5.62 -10.24
C ILE B 161 -34.35 -4.52 -9.69
N ILE B 162 -34.29 -3.39 -10.40
CA ILE B 162 -33.52 -2.22 -9.95
C ILE B 162 -33.85 -1.74 -8.54
N ARG B 163 -35.15 -1.68 -8.17
CA ARG B 163 -35.54 -1.37 -6.79
C ARG B 163 -35.16 -2.46 -5.80
N LYS B 164 -35.18 -3.72 -6.23
CA LYS B 164 -34.84 -4.82 -5.30
C LYS B 164 -33.33 -4.81 -4.98
N TYR B 165 -32.52 -4.48 -5.99
CA TYR B 165 -31.07 -4.38 -5.81
C TYR B 165 -30.79 -3.24 -4.80
N VAL B 166 -31.36 -2.06 -5.05
CA VAL B 166 -31.34 -0.97 -4.05
C VAL B 166 -31.66 -1.41 -2.62
N LYS B 167 -32.74 -2.17 -2.46
CA LYS B 167 -33.24 -2.52 -1.13
C LYS B 167 -32.45 -3.61 -0.45
N ASN B 168 -31.99 -4.59 -1.22
CA ASN B 168 -31.31 -5.74 -0.62
C ASN B 168 -29.89 -5.38 -0.23
N THR B 169 -29.28 -4.43 -0.93
CA THR B 169 -27.84 -4.23 -0.75
C THR B 169 -27.46 -3.01 0.10
N HIS B 170 -28.46 -2.35 0.66
CA HIS B 170 -28.19 -1.26 1.61
C HIS B 170 -27.56 -1.84 2.82
N ALA B 171 -26.31 -1.49 3.08
CA ALA B 171 -25.57 -2.08 4.21
C ALA B 171 -26.08 -1.55 5.55
N THR B 172 -25.90 -2.38 6.57
CA THR B 172 -26.46 -2.14 7.89
C THR B 172 -25.68 -1.13 8.70
N THR B 173 -24.39 -1.01 8.43
CA THR B 173 -23.55 0.01 9.09
C THR B 173 -23.76 1.39 8.49
N HIS B 174 -24.45 1.49 7.34
CA HIS B 174 -24.82 2.79 6.79
C HIS B 174 -26.25 3.11 7.18
N ASN B 175 -26.47 3.13 8.49
CA ASN B 175 -27.80 3.25 9.09
C ASN B 175 -28.30 4.68 9.25
N ALA B 176 -27.40 5.65 9.16
CA ALA B 176 -27.78 7.05 9.25
C ALA B 176 -28.92 7.44 8.32
N TYR B 177 -29.27 6.58 7.35
CA TYR B 177 -30.28 6.91 6.34
C TYR B 177 -30.92 5.69 5.65
N ASP B 178 -32.15 5.89 5.18
CA ASP B 178 -32.86 4.95 4.31
C ASP B 178 -32.86 5.59 2.93
N LEU B 179 -33.01 4.76 1.91
CA LEU B 179 -32.97 5.21 0.53
C LEU B 179 -34.28 4.88 -0.15
N GLU B 180 -34.69 5.67 -1.15
CA GLU B 180 -35.88 5.35 -1.92
C GLU B 180 -35.69 5.89 -3.32
N VAL B 181 -36.06 5.09 -4.31
CA VAL B 181 -35.85 5.46 -5.72
C VAL B 181 -36.90 6.49 -6.15
N ILE B 182 -36.58 7.28 -7.18
CA ILE B 182 -37.43 8.37 -7.58
C ILE B 182 -37.60 8.35 -9.08
N ASP B 183 -36.49 8.36 -9.82
CA ASP B 183 -36.49 8.20 -11.26
C ASP B 183 -35.39 7.21 -11.66
N ILE B 184 -35.65 6.48 -12.73
CA ILE B 184 -34.67 5.56 -13.33
C ILE B 184 -34.47 5.89 -14.80
N PHE B 185 -33.23 6.16 -15.17
CA PHE B 185 -32.93 6.60 -16.52
C PHE B 185 -32.07 5.55 -17.22
N LYS B 186 -32.44 5.22 -18.44
CA LYS B 186 -31.68 4.32 -19.27
C LYS B 186 -30.74 5.14 -20.12
N ILE B 187 -29.45 4.81 -20.07
CA ILE B 187 -28.49 5.69 -20.73
C ILE B 187 -27.70 5.00 -21.81
N GLU B 188 -27.37 5.74 -22.87
CA GLU B 188 -26.54 5.24 -23.95
C GLU B 188 -25.58 6.31 -24.39
N ARG B 189 -24.35 6.21 -23.90
CA ARG B 189 -23.30 7.11 -24.35
C ARG B 189 -22.87 6.73 -25.77
N GLU B 190 -22.92 7.72 -26.65
CA GLU B 190 -22.58 7.55 -28.04
C GLU B 190 -21.14 7.05 -28.16
N GLY B 191 -20.98 5.82 -28.68
CA GLY B 191 -19.65 5.25 -28.89
C GLY B 191 -19.24 4.23 -27.85
N GLU B 192 -20.01 4.14 -26.76
CA GLU B 192 -19.62 3.28 -25.62
C GLU B 192 -19.87 1.77 -25.80
N CYS B 193 -20.96 1.40 -26.47
CA CYS B 193 -21.21 -0.01 -26.84
C CYS B 193 -20.06 -0.53 -27.68
N GLN B 194 -19.70 0.24 -28.70
CA GLN B 194 -18.65 -0.15 -29.61
C GLN B 194 -17.29 -0.23 -28.94
N ARG B 195 -17.01 0.70 -28.03
CA ARG B 195 -15.79 0.67 -27.22
C ARG B 195 -15.70 -0.57 -26.32
N TYR B 196 -16.86 -0.96 -25.78
CA TYR B 196 -17.01 -2.07 -24.85
C TYR B 196 -17.00 -3.44 -25.57
N LYS B 197 -17.23 -3.42 -26.89
CA LYS B 197 -17.44 -4.65 -27.69
C LYS B 197 -16.48 -5.78 -27.37
N PRO B 198 -15.15 -5.54 -27.55
CA PRO B 198 -14.16 -6.60 -27.30
C PRO B 198 -14.26 -7.19 -25.88
N PHE B 199 -14.46 -6.31 -24.90
CA PHE B 199 -14.66 -6.68 -23.50
C PHE B 199 -15.92 -7.44 -23.15
N LYS B 200 -16.96 -7.32 -23.98
CA LYS B 200 -18.16 -8.12 -23.75
C LYS B 200 -17.87 -9.62 -23.76
N GLN B 201 -16.78 -10.03 -24.42
CA GLN B 201 -16.37 -11.45 -24.54
C GLN B 201 -15.82 -12.00 -23.24
N LEU B 202 -15.20 -11.12 -22.47
CA LEU B 202 -14.67 -11.49 -21.15
C LEU B 202 -15.74 -12.11 -20.26
N HIS B 203 -15.35 -13.04 -19.38
CA HIS B 203 -16.26 -13.63 -18.44
C HIS B 203 -16.43 -12.74 -17.22
N ASN B 204 -17.25 -13.17 -16.28
CA ASN B 204 -17.54 -12.43 -15.04
C ASN B 204 -17.98 -10.99 -15.22
N ARG B 205 -18.98 -10.80 -16.06
CA ARG B 205 -19.50 -9.45 -16.32
C ARG B 205 -20.52 -9.23 -15.24
N ARG B 206 -20.54 -8.02 -14.68
CA ARG B 206 -21.36 -7.82 -13.50
C ARG B 206 -21.94 -6.42 -13.51
N LEU B 207 -23.16 -6.31 -12.98
CA LEU B 207 -23.86 -5.03 -12.94
C LEU B 207 -23.62 -4.43 -11.57
N LEU B 208 -22.88 -3.33 -11.53
CA LEU B 208 -22.44 -2.77 -10.24
C LEU B 208 -22.77 -1.29 -10.11
N TRP B 209 -22.63 -0.77 -8.89
CA TRP B 209 -22.87 0.63 -8.58
C TRP B 209 -21.66 1.49 -8.64
N HIS B 210 -21.88 2.74 -9.00
CA HIS B 210 -20.91 3.80 -8.79
C HIS B 210 -21.63 5.09 -8.38
N GLY B 211 -21.40 5.52 -7.16
CA GLY B 211 -21.89 6.81 -6.64
C GLY B 211 -20.93 7.96 -6.92
N SER B 212 -21.49 9.15 -7.16
CA SER B 212 -20.70 10.36 -7.30
C SER B 212 -21.58 11.55 -6.87
N ARG B 213 -20.97 12.72 -6.63
CA ARG B 213 -21.82 13.90 -6.41
C ARG B 213 -22.37 14.47 -7.73
N THR B 214 -23.47 15.21 -7.62
CA THR B 214 -24.19 15.74 -8.78
C THR B 214 -23.37 16.65 -9.67
N THR B 215 -22.46 17.41 -9.05
CA THR B 215 -21.54 18.29 -9.74
C THR B 215 -20.58 17.47 -10.63
N ASN B 216 -20.58 16.13 -10.45
CA ASN B 216 -19.72 15.21 -11.23
C ASN B 216 -20.40 14.59 -12.45
N PHE B 217 -21.73 14.55 -12.46
CA PHE B 217 -22.47 13.78 -13.48
C PHE B 217 -22.50 14.28 -14.92
N ALA B 218 -22.33 15.58 -15.14
CA ALA B 218 -22.20 16.09 -16.52
C ALA B 218 -20.92 15.60 -17.20
N GLY B 219 -19.83 15.58 -16.42
CA GLY B 219 -18.54 15.03 -16.87
C GLY B 219 -18.63 13.55 -17.18
N ILE B 220 -19.28 12.81 -16.29
CA ILE B 220 -19.41 11.36 -16.41
C ILE B 220 -20.24 10.95 -17.64
N LEU B 221 -21.24 11.76 -17.98
CA LEU B 221 -22.10 11.44 -19.10
C LEU B 221 -21.48 11.85 -20.42
N SER B 222 -20.90 13.05 -20.51
CA SER B 222 -20.23 13.39 -21.77
C SER B 222 -18.97 12.56 -22.02
N GLN B 223 -18.27 12.15 -20.94
CA GLN B 223 -16.97 11.51 -21.09
C GLN B 223 -16.88 10.05 -20.67
N GLY B 224 -17.87 9.58 -19.91
CA GLY B 224 -17.85 8.26 -19.27
C GLY B 224 -17.08 8.30 -17.96
N LEU B 225 -17.13 7.20 -17.22
CA LEU B 225 -16.27 7.05 -16.05
C LEU B 225 -14.82 7.00 -16.51
N ARG B 226 -13.98 7.86 -15.93
CA ARG B 226 -12.56 7.93 -16.30
C ARG B 226 -11.66 7.58 -15.13
N ILE B 227 -10.39 7.38 -15.45
CA ILE B 227 -9.34 7.11 -14.47
C ILE B 227 -8.70 8.45 -14.18
N ALA B 228 -8.26 8.67 -12.94
CA ALA B 228 -7.51 9.89 -12.57
C ALA B 228 -6.36 10.12 -13.55
N PRO B 229 -5.97 11.39 -13.78
CA PRO B 229 -4.90 11.61 -14.75
C PRO B 229 -3.52 11.07 -14.33
N PRO B 230 -2.57 11.06 -15.28
CA PRO B 230 -1.21 10.57 -15.03
C PRO B 230 -0.53 11.33 -13.89
N GLU B 231 -0.85 12.61 -13.73
CA GLU B 231 -0.30 13.46 -12.65
C GLU B 231 -0.76 13.09 -11.24
N ALA B 232 -1.96 12.52 -11.12
CA ALA B 232 -2.51 12.14 -9.84
C ALA B 232 -1.67 11.04 -9.20
N PRO B 233 -1.53 11.08 -7.87
CA PRO B 233 -0.76 10.06 -7.15
C PRO B 233 -1.51 8.72 -7.10
N VAL B 234 -0.84 7.65 -7.49
CA VAL B 234 -1.47 6.31 -7.42
C VAL B 234 -1.73 5.94 -5.96
N THR B 235 -0.94 6.52 -5.06
CA THR B 235 -1.08 6.28 -3.63
C THR B 235 -2.27 7.01 -3.01
N GLY B 236 -2.94 7.88 -3.77
CA GLY B 236 -4.16 8.56 -3.29
C GLY B 236 -5.40 7.66 -3.26
N TYR B 237 -5.28 6.44 -3.81
CA TYR B 237 -6.42 5.57 -3.98
C TYR B 237 -6.06 4.17 -3.51
N MET B 238 -6.94 3.57 -2.75
CA MET B 238 -6.62 2.31 -2.08
C MET B 238 -6.13 1.17 -2.99
N PHE B 239 -6.67 1.10 -4.20
CA PHE B 239 -6.23 0.16 -5.21
C PHE B 239 -5.72 0.86 -6.49
N GLY B 240 -5.19 2.06 -6.33
CA GLY B 240 -4.53 2.77 -7.40
C GLY B 240 -5.52 3.37 -8.38
N LYS B 241 -5.02 3.77 -9.56
CA LYS B 241 -5.87 4.48 -10.53
C LYS B 241 -6.70 3.56 -11.47
N GLY B 242 -7.87 3.18 -10.98
CA GLY B 242 -8.84 2.45 -11.78
C GLY B 242 -10.18 3.15 -11.68
N ILE B 243 -11.23 2.45 -12.07
CA ILE B 243 -12.61 2.87 -11.88
C ILE B 243 -13.21 1.97 -10.81
N TYR B 244 -13.80 2.57 -9.77
CA TYR B 244 -14.24 1.85 -8.57
C TYR B 244 -15.75 1.62 -8.64
N PHE B 245 -16.19 0.43 -8.22
CA PHE B 245 -17.58 0.04 -8.21
C PHE B 245 -17.82 -0.69 -6.96
N ALA B 246 -19.06 -0.63 -6.47
CA ALA B 246 -19.46 -1.49 -5.35
C ALA B 246 -20.60 -2.44 -5.73
N ASP B 247 -20.82 -3.48 -4.94
CA ASP B 247 -22.04 -4.26 -5.07
C ASP B 247 -23.10 -3.92 -4.01
N MET B 248 -22.71 -3.09 -3.02
CA MET B 248 -23.66 -2.56 -2.03
C MET B 248 -24.06 -1.16 -2.43
N VAL B 249 -25.36 -0.97 -2.70
CA VAL B 249 -25.81 0.35 -3.08
C VAL B 249 -25.39 1.43 -2.07
N SER B 250 -25.30 1.09 -0.79
CA SER B 250 -25.07 2.13 0.22
C SER B 250 -23.58 2.54 0.29
N LYS B 251 -22.69 1.58 0.04
CA LYS B 251 -21.25 1.93 -0.11
C LYS B 251 -21.06 2.94 -1.23
N SER B 252 -21.75 2.73 -2.33
CA SER B 252 -21.71 3.68 -3.44
C SER B 252 -22.45 4.97 -3.15
N ALA B 253 -23.58 4.87 -2.46
CA ALA B 253 -24.41 6.06 -2.23
C ALA B 253 -23.75 6.97 -1.18
N ASN B 254 -23.01 6.38 -0.23
CA ASN B 254 -22.18 7.23 0.66
C ASN B 254 -21.38 8.24 -0.13
N TYR B 255 -20.95 7.87 -1.34
CA TYR B 255 -20.17 8.76 -2.17
C TYR B 255 -20.96 9.83 -2.85
N CYS B 256 -22.28 9.83 -2.67
CA CYS B 256 -23.11 10.92 -3.21
C CYS B 256 -22.93 12.22 -2.40
N HIS B 257 -22.60 12.04 -1.12
CA HIS B 257 -22.32 13.17 -0.19
C HIS B 257 -23.53 14.07 0.02
N THR B 258 -24.67 13.43 0.21
CA THR B 258 -25.94 14.10 0.48
C THR B 258 -26.08 14.40 1.98
N SER B 259 -27.04 15.25 2.35
CA SER B 259 -27.25 15.59 3.78
C SER B 259 -28.71 15.89 4.08
N GLN B 260 -29.06 15.85 5.37
CA GLN B 260 -30.34 16.33 5.89
C GLN B 260 -30.82 17.52 5.05
N GLY B 261 -29.97 18.53 4.91
CA GLY B 261 -30.27 19.74 4.15
C GLY B 261 -30.35 19.59 2.65
N ASP B 262 -29.74 18.54 2.13
CA ASP B 262 -29.76 18.23 0.71
C ASP B 262 -29.83 16.70 0.49
N PRO B 263 -31.06 16.14 0.43
CA PRO B 263 -31.21 14.70 0.50
C PRO B 263 -31.35 13.92 -0.83
N ILE B 264 -31.13 14.55 -1.98
CA ILE B 264 -31.28 13.88 -3.29
C ILE B 264 -29.93 13.59 -3.97
N GLY B 265 -29.66 12.31 -4.28
CA GLY B 265 -28.42 11.96 -4.99
C GLY B 265 -28.59 11.21 -6.30
N LEU B 266 -27.52 11.19 -7.12
CA LEU B 266 -27.46 10.38 -8.35
C LEU B 266 -26.48 9.19 -8.26
N ILE B 267 -26.85 8.08 -8.90
CA ILE B 267 -26.05 6.87 -8.82
C ILE B 267 -26.09 6.15 -10.17
N LEU B 268 -24.97 5.52 -10.53
CA LEU B 268 -24.88 4.76 -11.78
C LEU B 268 -25.02 3.26 -11.54
N LEU B 269 -25.64 2.57 -12.52
CA LEU B 269 -25.53 1.10 -12.62
C LEU B 269 -24.76 0.85 -13.89
N GLY B 270 -23.64 0.15 -13.75
CA GLY B 270 -22.75 -0.02 -14.89
C GLY B 270 -22.46 -1.49 -15.10
N GLU B 271 -22.34 -1.87 -16.38
CA GLU B 271 -21.90 -3.20 -16.74
C GLU B 271 -20.40 -3.19 -16.80
N VAL B 272 -19.80 -4.01 -15.96
CA VAL B 272 -18.34 -4.01 -15.87
C VAL B 272 -17.75 -5.40 -16.23
N ALA B 273 -16.83 -5.45 -17.20
CA ALA B 273 -16.19 -6.73 -17.60
C ALA B 273 -15.05 -7.09 -16.67
N LEU B 274 -15.34 -7.87 -15.63
CA LEU B 274 -14.35 -8.12 -14.58
C LEU B 274 -13.29 -9.12 -14.98
N GLY B 275 -13.66 -10.12 -15.76
CA GLY B 275 -12.66 -11.14 -16.17
C GLY B 275 -12.10 -11.90 -15.00
N ASN B 276 -10.81 -12.20 -15.07
CA ASN B 276 -10.08 -12.91 -14.03
C ASN B 276 -9.68 -11.88 -12.98
N MET B 277 -10.29 -12.02 -11.80
CA MET B 277 -10.17 -10.99 -10.76
C MET B 277 -8.91 -11.20 -9.92
N TYR B 278 -8.22 -10.10 -9.63
CA TYR B 278 -7.12 -10.15 -8.64
C TYR B 278 -7.73 -9.82 -7.28
N GLU B 279 -7.77 -10.79 -6.38
CA GLU B 279 -8.54 -10.66 -5.15
C GLU B 279 -7.64 -10.23 -4.01
N LEU B 280 -7.96 -9.11 -3.39
CA LEU B 280 -7.02 -8.48 -2.46
C LEU B 280 -7.74 -8.12 -1.19
N LYS B 281 -7.01 -8.16 -0.08
CA LYS B 281 -7.60 -7.78 1.20
C LYS B 281 -7.23 -6.41 1.74
N HIS B 282 -6.15 -5.83 1.20
CA HIS B 282 -5.56 -4.62 1.77
C HIS B 282 -5.10 -3.75 0.64
N ALA B 283 -4.71 -2.52 0.95
CA ALA B 283 -4.30 -1.57 -0.11
C ALA B 283 -3.22 -2.15 -1.02
N SER B 284 -3.36 -1.87 -2.31
CA SER B 284 -2.33 -2.12 -3.30
C SER B 284 -2.42 -0.99 -4.32
N HIS B 285 -1.45 -0.09 -4.29
CA HIS B 285 -1.47 1.12 -5.14
C HIS B 285 -0.83 0.84 -6.46
N ILE B 286 -1.64 0.30 -7.38
CA ILE B 286 -1.19 -0.09 -8.70
C ILE B 286 -1.83 0.76 -9.80
N SER B 287 -1.17 0.88 -10.95
CA SER B 287 -1.81 1.53 -12.12
C SER B 287 -2.01 0.53 -13.25
N LYS B 288 -1.38 -0.64 -13.10
CA LYS B 288 -1.59 -1.80 -13.99
C LYS B 288 -1.68 -3.13 -13.24
N LEU B 289 -2.27 -4.10 -13.89
CA LEU B 289 -2.53 -5.38 -13.33
C LEU B 289 -1.43 -6.34 -13.75
N PRO B 290 -1.12 -7.36 -12.91
CA PRO B 290 -0.23 -8.40 -13.40
C PRO B 290 -0.86 -9.15 -14.61
N LYS B 291 -0.02 -9.69 -15.49
CA LYS B 291 -0.54 -10.50 -16.60
C LYS B 291 -1.49 -11.57 -16.10
N GLY B 292 -2.62 -11.67 -16.81
CA GLY B 292 -3.64 -12.67 -16.52
C GLY B 292 -4.78 -12.13 -15.67
N LYS B 293 -4.61 -10.93 -15.09
CA LYS B 293 -5.69 -10.32 -14.29
C LYS B 293 -6.33 -9.16 -15.00
N HIS B 294 -7.65 -9.03 -14.92
CA HIS B 294 -8.34 -8.00 -15.66
C HIS B 294 -9.06 -7.01 -14.78
N SER B 295 -9.11 -7.31 -13.50
CA SER B 295 -9.69 -6.39 -12.49
C SER B 295 -9.20 -6.77 -11.09
N VAL B 296 -9.47 -5.89 -10.13
CA VAL B 296 -9.25 -6.17 -8.75
C VAL B 296 -10.60 -6.31 -8.06
N LYS B 297 -10.69 -7.28 -7.17
CA LYS B 297 -11.79 -7.35 -6.22
C LYS B 297 -11.17 -7.14 -4.87
N GLY B 298 -11.53 -6.03 -4.21
CA GLY B 298 -11.18 -5.89 -2.79
C GLY B 298 -12.19 -6.70 -1.99
N LEU B 299 -11.72 -7.59 -1.11
CA LEU B 299 -12.62 -8.51 -0.40
C LEU B 299 -13.17 -7.93 0.88
N GLY B 300 -14.50 -7.83 0.93
CA GLY B 300 -15.20 -7.34 2.10
C GLY B 300 -15.53 -8.44 3.08
N LYS B 301 -15.86 -8.02 4.29
CA LYS B 301 -16.25 -8.90 5.37
C LYS B 301 -17.69 -9.36 5.13
N THR B 302 -18.41 -8.57 4.34
CA THR B 302 -19.80 -8.83 3.96
C THR B 302 -19.93 -8.78 2.45
N THR B 303 -20.71 -9.73 1.92
CA THR B 303 -20.82 -9.94 0.49
C THR B 303 -22.28 -10.32 0.21
N PRO B 304 -22.84 -9.90 -0.93
CA PRO B 304 -24.23 -10.33 -1.17
C PRO B 304 -24.33 -11.86 -1.28
N ASP B 305 -25.47 -12.40 -0.90
CA ASP B 305 -25.73 -13.82 -0.98
C ASP B 305 -25.59 -14.31 -2.43
N PRO B 306 -24.69 -15.27 -2.69
CA PRO B 306 -24.49 -15.76 -4.06
C PRO B 306 -25.72 -16.50 -4.60
N SER B 307 -26.56 -17.01 -3.69
CA SER B 307 -27.83 -17.66 -4.01
C SER B 307 -28.82 -16.77 -4.75
N ALA B 308 -28.92 -15.50 -4.33
CA ALA B 308 -29.91 -14.58 -4.89
C ALA B 308 -29.41 -13.89 -6.15
N ASN B 309 -28.19 -14.23 -6.56
CA ASN B 309 -27.63 -13.69 -7.77
C ASN B 309 -28.50 -14.03 -9.01
N ILE B 310 -28.58 -13.11 -9.96
CA ILE B 310 -29.23 -13.38 -11.24
C ILE B 310 -28.23 -13.22 -12.37
N SER B 311 -28.36 -14.06 -13.41
CA SER B 311 -27.62 -13.85 -14.66
C SER B 311 -28.55 -13.53 -15.81
N LEU B 312 -28.23 -12.45 -16.50
CA LEU B 312 -29.03 -11.94 -17.61
C LEU B 312 -28.13 -11.75 -18.81
N ASP B 313 -28.28 -12.62 -19.81
CA ASP B 313 -27.44 -12.62 -21.00
C ASP B 313 -25.94 -12.42 -20.74
N GLY B 314 -25.39 -13.28 -19.88
CA GLY B 314 -23.98 -13.23 -19.49
C GLY B 314 -23.56 -12.18 -18.46
N VAL B 315 -24.51 -11.46 -17.87
CA VAL B 315 -24.21 -10.42 -16.84
C VAL B 315 -24.82 -10.81 -15.51
N ASP B 316 -24.00 -10.91 -14.46
CA ASP B 316 -24.49 -11.17 -13.10
C ASP B 316 -24.94 -9.87 -12.36
N VAL B 317 -26.07 -9.99 -11.67
CA VAL B 317 -26.64 -8.92 -10.86
C VAL B 317 -26.68 -9.44 -9.43
N PRO B 318 -25.74 -9.03 -8.56
CA PRO B 318 -25.60 -9.60 -7.22
C PRO B 318 -26.52 -8.93 -6.19
N LEU B 319 -27.83 -9.15 -6.33
CA LEU B 319 -28.78 -8.46 -5.47
C LEU B 319 -29.18 -9.23 -4.22
N GLY B 320 -28.41 -10.25 -3.87
CA GLY B 320 -28.53 -10.90 -2.57
C GLY B 320 -28.31 -9.92 -1.43
N THR B 321 -28.86 -10.29 -0.28
CA THR B 321 -28.77 -9.57 0.97
C THR B 321 -27.42 -9.84 1.65
N GLY B 322 -26.92 -8.85 2.38
CA GLY B 322 -25.61 -8.93 3.03
C GLY B 322 -25.42 -10.17 3.89
N ILE B 323 -24.53 -11.04 3.44
CA ILE B 323 -24.14 -12.21 4.21
C ILE B 323 -22.65 -12.10 4.51
N SER B 324 -22.22 -12.79 5.55
CA SER B 324 -20.81 -12.83 5.88
C SER B 324 -20.01 -13.60 4.83
N SER B 325 -18.88 -13.04 4.43
CA SER B 325 -17.86 -13.83 3.74
C SER B 325 -17.01 -14.34 4.87
N GLY B 326 -16.43 -15.51 4.72
CA GLY B 326 -15.56 -16.04 5.76
C GLY B 326 -14.22 -15.34 5.86
N VAL B 327 -14.15 -14.10 5.37
CA VAL B 327 -12.91 -13.35 5.25
C VAL B 327 -12.86 -12.24 6.31
N ASN B 328 -12.15 -12.46 7.41
CA ASN B 328 -12.16 -11.48 8.51
C ASN B 328 -10.90 -10.62 8.72
N ASP B 329 -9.79 -11.04 8.10
CA ASP B 329 -8.52 -10.33 8.19
C ASP B 329 -8.36 -9.37 7.02
N THR B 330 -9.34 -8.49 6.83
CA THR B 330 -9.38 -7.60 5.66
C THR B 330 -9.52 -6.14 6.07
N SER B 331 -9.09 -5.22 5.21
CA SER B 331 -9.30 -3.78 5.43
C SER B 331 -10.69 -3.28 5.01
N LEU B 332 -11.57 -4.15 4.53
CA LEU B 332 -12.81 -3.70 3.91
C LEU B 332 -14.04 -4.35 4.53
N LEU B 333 -15.00 -3.54 4.96
CA LEU B 333 -16.31 -4.05 5.40
C LEU B 333 -17.08 -4.69 4.25
N TYR B 334 -17.01 -4.08 3.07
CA TYR B 334 -17.73 -4.59 1.91
C TYR B 334 -16.82 -4.65 0.69
N ASN B 335 -17.24 -5.46 -0.30
CA ASN B 335 -16.47 -5.64 -1.53
C ASN B 335 -16.34 -4.32 -2.30
N GLU B 336 -15.38 -4.31 -3.21
CA GLU B 336 -15.09 -3.19 -4.06
C GLU B 336 -14.57 -3.80 -5.39
N TYR B 337 -14.87 -3.20 -6.54
CA TYR B 337 -14.30 -3.74 -7.81
C TYR B 337 -13.68 -2.63 -8.58
N ILE B 338 -12.51 -2.89 -9.16
CA ILE B 338 -11.78 -1.87 -9.85
C ILE B 338 -11.32 -2.38 -11.22
N VAL B 339 -11.52 -1.59 -12.26
CA VAL B 339 -10.90 -1.90 -13.55
C VAL B 339 -9.95 -0.79 -13.96
N TYR B 340 -8.97 -1.11 -14.80
CA TYR B 340 -7.88 -0.22 -15.13
C TYR B 340 -7.86 0.17 -16.60
N ASP B 341 -8.99 -0.07 -17.27
CA ASP B 341 -9.20 0.33 -18.68
C ASP B 341 -10.62 0.88 -18.79
N ILE B 342 -10.75 2.10 -19.28
CA ILE B 342 -12.08 2.73 -19.32
C ILE B 342 -13.07 1.91 -20.15
N ALA B 343 -12.53 1.13 -21.09
CA ALA B 343 -13.36 0.37 -22.03
C ALA B 343 -14.01 -0.84 -21.38
N GLN B 344 -13.57 -1.21 -20.17
CA GLN B 344 -14.26 -2.32 -19.46
C GLN B 344 -15.59 -2.00 -18.83
N VAL B 345 -16.03 -0.78 -18.97
CA VAL B 345 -17.34 -0.42 -18.41
C VAL B 345 -18.34 0.08 -19.46
N ASN B 346 -19.57 -0.35 -19.29
CA ASN B 346 -20.70 0.05 -20.11
C ASN B 346 -21.82 0.52 -19.22
N LEU B 347 -22.11 1.81 -19.28
CA LEU B 347 -23.09 2.38 -18.38
C LEU B 347 -24.50 2.03 -18.84
N LYS B 348 -25.28 1.48 -17.92
CA LYS B 348 -26.65 1.04 -18.23
C LYS B 348 -27.75 2.01 -17.74
N TYR B 349 -27.69 2.36 -16.45
CA TYR B 349 -28.76 3.11 -15.80
C TYR B 349 -28.19 4.25 -14.96
N LEU B 350 -28.91 5.37 -14.91
CA LEU B 350 -28.67 6.46 -13.96
C LEU B 350 -29.92 6.58 -13.09
N LEU B 351 -29.74 6.48 -11.78
CA LEU B 351 -30.84 6.54 -10.82
C LEU B 351 -30.81 7.89 -10.11
N LYS B 352 -31.98 8.34 -9.67
CA LYS B 352 -32.13 9.53 -8.86
C LYS B 352 -32.78 9.07 -7.57
N LEU B 353 -32.08 9.19 -6.45
CA LEU B 353 -32.55 8.65 -5.18
C LEU B 353 -32.75 9.65 -4.02
N LYS B 354 -33.47 9.18 -2.99
CA LYS B 354 -33.79 9.95 -1.80
C LYS B 354 -33.20 9.34 -0.55
N PHE B 355 -32.54 10.18 0.25
CA PHE B 355 -31.95 9.72 1.51
C PHE B 355 -32.86 10.14 2.68
N ASN B 356 -33.31 9.17 3.48
CA ASN B 356 -34.09 9.45 4.69
C ASN B 356 -33.27 9.29 5.97
N PHE B 357 -32.68 10.41 6.40
CA PHE B 357 -31.88 10.39 7.63
C PHE B 357 -32.77 10.24 8.85
N LYS B 358 -32.40 9.38 9.78
CA LYS B 358 -32.92 9.52 11.13
C LYS B 358 -32.23 10.79 11.61
N THR B 359 -32.90 11.57 12.45
CA THR B 359 -32.39 12.91 12.81
C THR B 359 -32.78 13.95 11.77
S SO4 C . 14.35 3.29 -0.04
O1 SO4 C . 13.62 2.40 0.91
O2 SO4 C . 14.83 2.51 -1.19
O3 SO4 C . 15.54 3.85 0.65
O4 SO4 C . 13.43 4.41 -0.41
S SO4 D . 16.45 -6.60 -13.62
O1 SO4 D . 15.89 -6.81 -12.26
O2 SO4 D . 16.22 -7.83 -14.41
O3 SO4 D . 17.91 -6.30 -13.53
O4 SO4 D . 15.82 -5.45 -14.29
C1 GOL E . 8.13 -9.96 7.30
O1 GOL E . 7.53 -11.14 6.76
C2 GOL E . 9.60 -10.32 7.48
O2 GOL E . 10.38 -9.78 6.43
C3 GOL E . 10.13 -9.89 8.84
O3 GOL E . 9.35 -10.56 9.83
C1 GOL F . 10.02 -0.69 2.25
O1 GOL F . 10.16 -2.06 2.57
C2 GOL F . 11.16 0.20 2.70
O2 GOL F . 12.42 -0.33 2.26
C3 GOL F . 10.89 1.51 1.97
O3 GOL F . 11.42 2.59 2.72
C1 FSU G . 14.12 -4.54 5.62
N2 FSU G . 12.93 -3.95 5.52
C3 FSU G . 14.79 -4.55 4.44
C4 FSU G . 13.95 -3.90 3.58
C5 FSU G . 16.02 -5.03 4.03
C6 FSU G . 12.82 -3.53 4.24
C7 FSU G . 17.02 -5.67 4.80
O8 FSU G . 14.49 -5.07 6.80
O9 FSU G . 18.17 -5.84 4.36
N10 FSU G . 16.73 -6.04 6.06
C11 FSU G . 11.90 -3.74 6.62
C12 FSU G . 14.27 -3.71 2.28
C13 FSU G . 16.36 -4.84 2.67
C14 FSU G . 10.75 -4.77 6.57
C15 FSU G . 15.50 -4.18 1.80
O16 FSU G . 11.57 -6.57 7.90
C17 FSU G . 11.27 -6.18 6.54
C18 FSU G . 12.77 -7.39 8.00
S SO4 H . -15.72 -0.25 3.22
O1 SO4 H . -16.18 -1.48 2.51
O2 SO4 H . -15.01 -0.78 4.40
O3 SO4 H . -16.89 0.53 3.68
O4 SO4 H . -14.93 0.61 2.37
C1 GOL I . -11.35 2.06 -0.80
O1 GOL I . -11.23 2.62 -2.13
C2 GOL I . -12.49 2.73 -0.04
O2 GOL I . -13.67 1.91 -0.16
C3 GOL I . -12.13 2.97 1.42
O3 GOL I . -12.54 1.83 2.22
S SO4 J . -17.40 -13.89 -6.79
O1 SO4 J . -18.54 -14.14 -5.87
O2 SO4 J . -16.35 -14.86 -6.46
O3 SO4 J . -16.88 -12.51 -6.63
O4 SO4 J . -17.82 -14.07 -8.21
C1 FSU K . -15.17 5.25 -4.53
N2 FSU K . -13.99 5.08 -3.91
C3 FSU K . -15.86 4.10 -4.59
C4 FSU K . -15.06 3.18 -3.92
C5 FSU K . -17.07 3.76 -5.10
C6 FSU K . -13.93 3.80 -3.51
C7 FSU K . -18.04 4.57 -5.75
O8 FSU K . -15.50 6.41 -5.05
O9 FSU K . -19.20 4.13 -5.74
N10 FSU K . -17.75 5.78 -6.32
C11 FSU K . -12.98 6.20 -3.72
C12 FSU K . -15.45 1.93 -3.72
C13 FSU K . -17.47 2.41 -4.91
C14 FSU K . -11.71 6.07 -4.58
C15 FSU K . -16.68 1.47 -4.23
O16 FSU K . -12.53 7.74 -6.12
C17 FSU K . -11.92 6.45 -6.03
C18 FSU K . -13.19 7.90 -7.41
#